data_2OR4
#
_entry.id   2OR4
#
_cell.length_a   102.007
_cell.length_b   130.437
_cell.length_c   159.508
_cell.angle_alpha   90.00
_cell.angle_beta   90.00
_cell.angle_gamma   90.00
#
_symmetry.space_group_name_H-M   'I 2 2 2'
#
loop_
_entity.id
_entity.type
_entity.pdbx_description
1 polymer 'Glutamate carboxypeptidase 2'
2 branched 2-acetamido-2-deoxy-beta-D-glucopyranose-(1-4)-2-acetamido-2-deoxy-beta-D-glucopyranose
3 branched alpha-D-mannopyranose-(1-3)-beta-D-mannopyranose-(1-4)-2-acetamido-2-deoxy-beta-D-glucopyranose-(1-4)-2-acetamido-2-deoxy-beta-D-glucopyranose
4 non-polymer 2-acetamido-2-deoxy-beta-D-glucopyranose
5 non-polymer 'ZINC ION'
6 non-polymer 'CALCIUM ION'
7 non-polymer 'CHLORIDE ION'
8 non-polymer '(S)-2-AMINO-3-(3,5-DIOXO-[1,2,4]OXADIAZOLIDIN-2-YL)-PROPIONIC ACID'
9 water water
#
_entity_poly.entity_id   1
_entity_poly.type   'polypeptide(L)'
_entity_poly.pdbx_seq_one_letter_code
;RSKSSNEATNITPKHNMKAFLDELKAENIKKFLYNFTQIPHLAGTEQNFQLAKQIQSQWKEFGLDSVELAHYDVLLSYPN
KTHPNYISIINEDGNEIFNTSLFEPPPPGYENVSDIVPPFSAFSPQGMPEGDLVYVNYARTEDFFKLERDMKINCSGKIV
IARYGKVFRGNKVKNAQLAGAKGVILYSDPADYFAPGVKSYPDGWNLPGGGVQRGNILNLNGAGDPLTPGYPANEYAYRR
GIAEAVGLPSIPVHPIGYYDAQKLLEKMGGSAPPDSSWRGSLKVPYNVGPGFTGNFSTQKVKMHIHSTNEVTRIYNVIGT
LRGAVEPDRYVILGGHRDSWVFGGIDPQSGAAVVHEIVRSFGTLKKEGWRPRRTILFASWDAEEFGLLGSTEWAEENSRL
LQERGVAYINADSSIEGNYTLRVDCTPLMYSLVHNLTKELKSPDEGFEGKSLYESWTKKSPSPEFSGMPRISKLGSGNDF
EVFFQRLGIASGRARYTKNWETNKFSGYPLYHSVYETYELVEKFYDPMFKYHLTVAQVRGGMVFELANSIVLPFDCRDYA
VVLRKYADKIYSISMKHPQEMKTYSVSFDSLFSAVKNFTEIASKFSERLQDFDKSNPIVLRMMNDQLMFLERAFIDPLGL
PDRPFYRHVIYAPSSHNKYAGESFPGIYDALFDIESKVDPSKAWGEVKRQIYVAAFTVQAAAETLSEVA
;
_entity_poly.pdbx_strand_id   A
#
loop_
_chem_comp.id
_chem_comp.type
_chem_comp.name
_chem_comp.formula
BMA D-saccharide, beta linking beta-D-mannopyranose 'C6 H12 O6'
CA non-polymer 'CALCIUM ION' 'Ca 2'
CL non-polymer 'CHLORIDE ION' 'Cl -1'
MAN D-saccharide, alpha linking alpha-D-mannopyranose 'C6 H12 O6'
NAG D-saccharide, beta linking 2-acetamido-2-deoxy-beta-D-glucopyranose 'C8 H15 N O6'
QUS non-polymer '(S)-2-AMINO-3-(3,5-DIOXO-[1,2,4]OXADIAZOLIDIN-2-YL)-PROPIONIC ACID' 'C5 H7 N3 O5'
ZN non-polymer 'ZINC ION' 'Zn 2'
#
# COMPACT_ATOMS: atom_id res chain seq x y z
N LYS A 14 27.17 3.15 25.95
CA LYS A 14 27.45 3.07 24.49
C LYS A 14 26.31 3.69 23.66
N HIS A 15 26.57 3.87 22.37
CA HIS A 15 25.55 4.27 21.41
C HIS A 15 25.40 3.14 20.42
N ASN A 16 24.55 2.18 20.79
CA ASN A 16 24.29 1.00 20.01
C ASN A 16 22.79 0.92 19.82
N MET A 17 22.30 -0.19 19.27
CA MET A 17 20.87 -0.25 18.97
C MET A 17 20.06 -0.14 20.27
N LYS A 18 20.55 -0.79 21.31
CA LYS A 18 19.84 -0.80 22.59
C LYS A 18 19.60 0.60 23.14
N ALA A 19 20.62 1.47 23.07
CA ALA A 19 20.52 2.88 23.47
C ALA A 19 19.43 3.59 22.66
N PHE A 20 19.43 3.34 21.35
CA PHE A 20 18.37 3.88 20.51
C PHE A 20 16.98 3.40 20.93
N LEU A 21 16.84 2.09 21.07
CA LEU A 21 15.55 1.49 21.37
C LEU A 21 15.04 1.97 22.73
N ASP A 22 15.95 2.07 23.70
CA ASP A 22 15.52 2.38 25.09
C ASP A 22 15.01 3.79 25.22
N GLU A 23 15.47 4.67 24.34
CA GLU A 23 15.10 6.05 24.37
C GLU A 23 13.63 6.22 23.97
N LEU A 24 13.11 5.29 23.16
CA LEU A 24 11.73 5.38 22.61
C LEU A 24 10.72 5.23 23.76
N LYS A 25 9.69 6.09 23.83
CA LYS A 25 8.73 6.03 24.95
C LYS A 25 7.29 6.00 24.45
N ALA A 26 6.52 5.04 24.94
CA ALA A 26 5.07 4.96 24.70
C ALA A 26 4.37 6.28 25.01
N GLU A 27 4.75 6.90 26.13
CA GLU A 27 4.16 8.18 26.54
C GLU A 27 4.30 9.30 25.50
N ASN A 28 5.46 9.34 24.83
CA ASN A 28 5.74 10.36 23.82
C ASN A 28 4.92 10.12 22.58
N ILE A 29 4.82 8.87 22.20
CA ILE A 29 3.99 8.47 21.03
C ILE A 29 2.54 8.92 21.29
N LYS A 30 2.04 8.66 22.52
CA LYS A 30 0.65 9.07 22.90
C LYS A 30 0.48 10.59 22.79
N LYS A 31 1.42 11.37 23.30
CA LYS A 31 1.33 12.83 23.23
C LYS A 31 1.36 13.35 21.79
N PHE A 32 2.24 12.78 20.95
CA PHE A 32 2.25 13.22 19.56
C PHE A 32 0.95 12.86 18.80
N LEU A 33 0.46 11.67 19.05
CA LEU A 33 -0.79 11.20 18.42
C LEU A 33 -1.92 12.16 18.79
N TYR A 34 -2.07 12.47 20.08
CA TYR A 34 -3.06 13.48 20.47
C TYR A 34 -2.84 14.79 19.70
N ASN A 35 -1.60 15.26 19.64
CA ASN A 35 -1.25 16.52 19.00
C ASN A 35 -1.60 16.54 17.50
N PHE A 36 -1.50 15.37 16.84
CA PHE A 36 -1.69 15.32 15.37
C PHE A 36 -3.15 15.07 14.94
N THR A 37 -4.08 14.89 15.92
CA THR A 37 -5.37 14.39 15.56
C THR A 37 -6.54 15.24 16.08
N GLN A 38 -6.24 16.49 16.44
CA GLN A 38 -7.31 17.39 17.01
C GLN A 38 -8.16 18.05 15.94
N ILE A 39 -7.57 18.24 14.74
CA ILE A 39 -8.30 18.90 13.62
C ILE A 39 -7.99 18.08 12.37
N PRO A 40 -8.83 18.18 11.33
CA PRO A 40 -8.51 17.45 10.08
C PRO A 40 -7.24 18.01 9.42
N HIS A 41 -6.55 17.10 8.73
CA HIS A 41 -5.34 17.48 7.97
C HIS A 41 -5.43 17.03 6.51
N LEU A 42 -6.51 17.38 5.84
CA LEU A 42 -6.74 16.99 4.43
C LEU A 42 -5.67 17.55 3.56
N ALA A 43 -5.17 16.71 2.63
CA ALA A 43 -4.18 17.22 1.69
C ALA A 43 -4.66 18.46 0.94
N GLY A 44 -3.75 19.43 0.85
CA GLY A 44 -3.97 20.62 0.08
C GLY A 44 -4.67 21.69 0.89
N THR A 45 -4.93 21.43 2.18
CA THR A 45 -5.60 22.45 3.01
C THR A 45 -4.63 23.20 3.91
N GLU A 46 -5.03 24.38 4.41
CA GLU A 46 -4.13 25.17 5.26
C GLU A 46 -3.67 24.48 6.55
N GLN A 47 -4.58 23.72 7.17
CA GLN A 47 -4.35 22.97 8.39
C GLN A 47 -3.22 21.94 8.15
N ASN A 48 -3.20 21.35 6.95
CA ASN A 48 -2.09 20.38 6.69
C ASN A 48 -0.73 21.05 6.42
N PHE A 49 -0.75 22.24 5.80
CA PHE A 49 0.46 23.07 5.64
C PHE A 49 0.98 23.49 7.02
N GLN A 50 0.04 23.89 7.90
CA GLN A 50 0.50 24.28 9.22
C GLN A 50 1.14 23.10 9.98
N LEU A 51 0.54 21.91 9.87
CA LEU A 51 1.14 20.75 10.54
C LEU A 51 2.52 20.46 9.91
N ALA A 52 2.62 20.56 8.58
CA ALA A 52 3.96 20.41 7.95
C ALA A 52 5.04 21.31 8.56
N LYS A 53 4.68 22.57 8.73
CA LYS A 53 5.61 23.55 9.31
C LYS A 53 5.95 23.19 10.77
N GLN A 54 4.96 22.70 11.50
CA GLN A 54 5.20 22.23 12.89
C GLN A 54 6.21 21.07 12.97
N ILE A 55 5.99 20.07 12.11
CA ILE A 55 6.90 18.94 12.03
C ILE A 55 8.29 19.39 11.59
N GLN A 56 8.36 20.27 10.61
CA GLN A 56 9.65 20.80 10.19
C GLN A 56 10.40 21.46 11.39
N SER A 57 9.69 22.29 12.14
CA SER A 57 10.31 22.92 13.31
C SER A 57 10.76 21.93 14.38
N GLN A 58 9.90 20.95 14.67
CA GLN A 58 10.19 20.00 15.69
C GLN A 58 11.37 19.12 15.30
N TRP A 59 11.38 18.64 14.05
CA TRP A 59 12.53 17.82 13.62
C TRP A 59 13.88 18.56 13.71
N LYS A 60 13.87 19.85 13.44
CA LYS A 60 15.05 20.75 13.64
C LYS A 60 15.42 20.75 15.11
N GLU A 61 14.42 21.00 15.98
CA GLU A 61 14.64 21.01 17.42
C GLU A 61 15.16 19.65 17.92
N PHE A 62 14.67 18.54 17.32
CA PHE A 62 15.10 17.22 17.74
C PHE A 62 16.56 16.90 17.39
N GLY A 63 17.15 17.64 16.46
CA GLY A 63 18.57 17.44 16.17
C GLY A 63 18.97 17.18 14.72
N LEU A 64 17.99 17.04 13.82
CA LEU A 64 18.39 16.74 12.43
C LEU A 64 19.24 17.86 11.83
N ASP A 65 20.16 17.44 10.94
CA ASP A 65 21.07 18.38 10.26
C ASP A 65 20.41 19.38 9.36
N SER A 66 19.40 18.92 8.62
CA SER A 66 18.65 19.81 7.75
C SER A 66 17.19 19.32 7.70
N VAL A 67 16.24 20.26 7.59
CA VAL A 67 14.82 19.82 7.47
C VAL A 67 14.17 20.81 6.54
N GLU A 68 13.70 20.33 5.39
CA GLU A 68 13.20 21.24 4.38
C GLU A 68 11.80 20.84 3.98
N LEU A 69 11.00 21.78 3.46
CA LEU A 69 9.72 21.44 2.84
C LEU A 69 9.99 21.30 1.34
N ALA A 70 9.51 20.21 0.74
CA ALA A 70 9.53 20.06 -0.74
C ALA A 70 8.10 20.15 -1.20
N HIS A 71 7.78 21.17 -2.00
CA HIS A 71 6.38 21.30 -2.39
C HIS A 71 6.20 21.01 -3.89
N TYR A 72 4.96 20.66 -4.26
CA TYR A 72 4.60 20.33 -5.63
C TYR A 72 3.19 20.80 -5.83
N ASP A 73 2.83 21.04 -7.08
CA ASP A 73 1.42 21.42 -7.43
C ASP A 73 0.80 20.33 -8.23
N VAL A 74 -0.11 19.61 -7.57
CA VAL A 74 -0.65 18.37 -8.14
C VAL A 74 -2.17 18.37 -8.22
N LEU A 75 -2.70 17.50 -9.08
CA LEU A 75 -4.17 17.45 -9.21
C LEU A 75 -4.80 16.81 -7.99
N LEU A 76 -5.63 17.59 -7.26
CA LEU A 76 -6.45 17.00 -6.16
C LEU A 76 -7.95 17.11 -6.50
N SER A 77 -8.77 16.59 -5.59
CA SER A 77 -10.22 16.52 -5.86
C SER A 77 -11.01 16.77 -4.57
N TYR A 78 -12.06 17.62 -4.64
CA TYR A 78 -12.81 18.00 -3.44
C TYR A 78 -14.28 18.18 -3.77
N PRO A 79 -15.16 17.80 -2.83
CA PRO A 79 -16.59 18.06 -3.12
C PRO A 79 -16.81 19.57 -3.25
N ASN A 80 -17.91 19.96 -3.92
CA ASN A 80 -18.33 21.35 -3.97
C ASN A 80 -19.09 21.67 -2.68
N LYS A 81 -18.55 22.56 -1.85
CA LYS A 81 -19.16 22.96 -0.55
C LYS A 81 -20.61 23.48 -0.64
N THR A 82 -20.97 24.05 -1.78
CA THR A 82 -22.34 24.61 -1.94
C THR A 82 -23.24 23.78 -2.88
N HIS A 83 -22.79 22.60 -3.26
CA HIS A 83 -23.53 21.77 -4.19
C HIS A 83 -23.22 20.29 -3.86
N PRO A 84 -23.81 19.80 -2.77
CA PRO A 84 -23.41 18.51 -2.19
C PRO A 84 -23.73 17.29 -3.00
N ASN A 85 -22.86 16.29 -2.84
CA ASN A 85 -23.05 15.03 -3.51
C ASN A 85 -24.06 14.18 -2.75
N TYR A 86 -24.89 13.46 -3.50
CA TYR A 86 -25.83 12.51 -2.83
C TYR A 86 -26.45 11.58 -3.86
N ILE A 87 -27.07 10.51 -3.39
CA ILE A 87 -27.78 9.59 -4.28
C ILE A 87 -29.26 9.57 -3.86
N SER A 88 -30.10 9.42 -4.87
CA SER A 88 -31.59 9.31 -4.67
C SER A 88 -32.18 8.05 -5.23
N ILE A 89 -33.31 7.61 -4.62
CA ILE A 89 -34.27 6.78 -5.38
C ILE A 89 -35.30 7.79 -5.88
N ILE A 90 -35.57 7.71 -7.18
CA ILE A 90 -36.42 8.67 -7.88
C ILE A 90 -37.65 7.90 -8.44
N ASN A 91 -38.85 8.42 -8.20
CA ASN A 91 -40.04 7.79 -8.78
C ASN A 91 -40.27 8.22 -10.23
N GLU A 92 -41.23 7.56 -10.90
CA GLU A 92 -41.55 7.81 -12.31
C GLU A 92 -41.80 9.28 -12.69
N ASP A 93 -42.22 10.10 -11.71
CA ASP A 93 -42.55 11.51 -11.95
C ASP A 93 -41.33 12.43 -11.77
N GLY A 94 -40.21 11.83 -11.36
CA GLY A 94 -38.99 12.57 -11.13
C GLY A 94 -38.88 13.11 -9.72
N ASN A 95 -39.70 12.59 -8.80
CA ASN A 95 -39.61 12.97 -7.39
C ASN A 95 -38.54 12.09 -6.72
N GLU A 96 -37.68 12.73 -5.94
CA GLU A 96 -36.65 12.01 -5.20
C GLU A 96 -37.21 11.60 -3.87
N ILE A 97 -37.56 10.31 -3.78
CA ILE A 97 -38.31 9.75 -2.64
C ILE A 97 -37.40 9.25 -1.51
N PHE A 98 -36.11 9.08 -1.82
CA PHE A 98 -35.15 8.75 -0.77
C PHE A 98 -33.85 9.45 -1.16
N ASN A 99 -33.19 10.04 -0.18
CA ASN A 99 -31.87 10.65 -0.39
C ASN A 99 -30.86 10.10 0.58
N THR A 100 -29.65 9.79 0.08
CA THR A 100 -28.59 9.43 1.03
C THR A 100 -28.10 10.65 1.80
N SER A 101 -27.40 10.39 2.90
CA SER A 101 -26.87 11.40 3.81
C SER A 101 -25.91 12.40 3.15
N LEU A 102 -25.94 13.65 3.59
CA LEU A 102 -24.99 14.64 3.09
C LEU A 102 -23.70 14.67 3.95
N PHE A 103 -23.69 13.98 5.10
CA PHE A 103 -22.49 13.94 5.97
C PHE A 103 -22.62 12.84 7.02
N GLU A 104 -21.51 12.40 7.63
CA GLU A 104 -21.58 11.40 8.70
C GLU A 104 -21.89 12.12 10.00
N PRO A 105 -22.80 11.57 10.82
CA PRO A 105 -23.02 12.16 12.15
C PRO A 105 -21.69 12.30 12.93
N PRO A 106 -21.27 13.52 13.29
CA PRO A 106 -19.95 13.62 13.93
C PRO A 106 -19.91 12.98 15.30
N PRO A 107 -18.72 12.49 15.70
CA PRO A 107 -18.61 11.85 17.01
C PRO A 107 -18.71 12.86 18.19
N PRO A 108 -19.00 12.33 19.39
CA PRO A 108 -19.17 13.18 20.58
C PRO A 108 -18.05 14.19 20.80
N GLY A 109 -18.42 15.46 20.95
CA GLY A 109 -17.43 16.48 21.27
C GLY A 109 -16.76 17.12 20.05
N TYR A 110 -17.09 16.58 18.88
CA TYR A 110 -16.57 17.09 17.58
C TYR A 110 -17.67 17.78 16.84
N ASP A 115 -14.82 21.99 8.71
CA ASP A 115 -13.81 21.50 7.77
C ASP A 115 -13.71 19.97 7.81
N ILE A 116 -14.75 19.27 8.27
CA ILE A 116 -14.75 17.82 8.03
C ILE A 116 -15.25 17.56 6.61
N VAL A 117 -14.40 17.02 5.73
CA VAL A 117 -14.83 16.83 4.37
C VAL A 117 -15.91 15.74 4.34
N PRO A 118 -17.09 16.00 3.71
CA PRO A 118 -18.08 14.90 3.73
C PRO A 118 -17.59 13.70 2.91
N PRO A 119 -18.19 12.52 3.14
CA PRO A 119 -17.84 11.35 2.33
C PRO A 119 -17.95 11.62 0.83
N PHE A 120 -16.88 11.25 0.09
CA PHE A 120 -16.92 11.30 -1.36
C PHE A 120 -15.84 10.37 -1.88
N SER A 121 -15.88 10.17 -3.20
CA SER A 121 -14.87 9.31 -3.91
C SER A 121 -13.97 10.30 -4.68
N ALA A 122 -12.71 10.43 -4.23
CA ALA A 122 -11.79 11.40 -4.84
C ALA A 122 -11.56 11.04 -6.32
N PHE A 123 -11.65 12.07 -7.16
CA PHE A 123 -11.45 12.05 -8.63
C PHE A 123 -12.66 11.54 -9.43
N SER A 124 -13.78 11.30 -8.74
CA SER A 124 -15.02 10.99 -9.46
C SER A 124 -15.25 12.14 -10.46
N PRO A 125 -15.67 11.81 -11.71
CA PRO A 125 -16.13 12.89 -12.60
C PRO A 125 -17.49 13.39 -12.13
N GLN A 126 -17.91 14.54 -12.64
CA GLN A 126 -19.26 15.07 -12.32
C GLN A 126 -20.30 14.36 -13.16
N GLY A 127 -21.51 14.26 -12.64
CA GLY A 127 -22.61 13.71 -13.42
C GLY A 127 -23.86 13.49 -12.60
N MET A 128 -24.99 13.27 -13.29
CA MET A 128 -26.23 12.90 -12.63
C MET A 128 -26.90 11.71 -13.33
N PRO A 129 -26.18 10.59 -13.52
CA PRO A 129 -26.74 9.40 -14.16
C PRO A 129 -27.94 8.83 -13.39
N GLU A 130 -28.98 8.40 -14.11
CA GLU A 130 -30.08 7.67 -13.47
C GLU A 130 -30.30 6.35 -14.16
N GLY A 131 -30.62 5.32 -13.39
CA GLY A 131 -30.86 4.05 -14.00
C GLY A 131 -31.14 2.96 -13.02
N ASP A 132 -31.12 1.74 -13.54
CA ASP A 132 -31.42 0.56 -12.77
C ASP A 132 -30.14 0.05 -12.13
N LEU A 133 -30.27 -0.47 -10.93
CA LEU A 133 -29.14 -1.00 -10.16
C LEU A 133 -28.84 -2.44 -10.53
N VAL A 134 -27.55 -2.76 -10.52
CA VAL A 134 -27.09 -4.13 -10.51
C VAL A 134 -26.13 -4.23 -9.30
N TYR A 135 -26.34 -5.24 -8.49
CA TYR A 135 -25.48 -5.51 -7.36
C TYR A 135 -24.38 -6.49 -7.79
N VAL A 136 -23.12 -6.10 -7.54
CA VAL A 136 -21.94 -6.84 -8.08
C VAL A 136 -20.97 -7.41 -7.00
N ASN A 137 -21.49 -7.62 -5.80
CA ASN A 137 -20.74 -8.17 -4.70
C ASN A 137 -19.56 -7.20 -4.46
N TYR A 138 -18.33 -7.71 -4.48
CA TYR A 138 -17.17 -6.85 -4.22
C TYR A 138 -16.61 -6.20 -5.49
N ALA A 139 -17.27 -6.39 -6.64
CA ALA A 139 -16.86 -5.79 -7.91
C ALA A 139 -15.45 -6.26 -8.34
N ARG A 140 -15.10 -7.47 -7.87
CA ARG A 140 -13.83 -8.12 -8.30
C ARG A 140 -13.95 -8.65 -9.73
N THR A 141 -12.80 -8.90 -10.37
CA THR A 141 -12.77 -9.51 -11.68
C THR A 141 -13.64 -10.77 -11.71
N GLU A 142 -13.51 -11.65 -10.71
CA GLU A 142 -14.26 -12.93 -10.70
C GLU A 142 -15.77 -12.66 -10.47
N ASP A 143 -16.10 -11.60 -9.74
CA ASP A 143 -17.53 -11.24 -9.54
C ASP A 143 -18.15 -10.82 -10.87
N PHE A 144 -17.42 -10.04 -11.68
CA PHE A 144 -17.90 -9.65 -13.00
C PHE A 144 -17.92 -10.79 -13.99
N PHE A 145 -16.96 -11.72 -13.86
CA PHE A 145 -16.98 -12.97 -14.65
C PHE A 145 -18.29 -13.74 -14.36
N LYS A 146 -18.60 -13.93 -13.07
CA LYS A 146 -19.81 -14.64 -12.61
C LYS A 146 -21.09 -13.99 -13.20
N LEU A 147 -21.21 -12.67 -13.08
CA LEU A 147 -22.33 -11.92 -13.64
C LEU A 147 -22.52 -12.10 -15.13
N GLU A 148 -21.45 -11.85 -15.87
CA GLU A 148 -21.54 -11.69 -17.31
C GLU A 148 -21.51 -13.05 -18.01
N ARG A 149 -20.67 -13.96 -17.51
CA ARG A 149 -20.43 -15.24 -18.16
C ARG A 149 -21.38 -16.34 -17.72
N ASP A 150 -21.70 -16.36 -16.42
CA ASP A 150 -22.52 -17.42 -15.86
C ASP A 150 -23.98 -17.00 -15.74
N MET A 151 -24.21 -15.79 -15.24
CA MET A 151 -25.58 -15.33 -14.98
C MET A 151 -26.15 -14.58 -16.18
N LYS A 152 -25.28 -14.29 -17.13
CA LYS A 152 -25.65 -13.60 -18.34
C LYS A 152 -26.36 -12.27 -18.03
N ILE A 153 -25.92 -11.60 -16.95
CA ILE A 153 -26.44 -10.28 -16.59
C ILE A 153 -25.53 -9.23 -17.19
N ASN A 154 -26.12 -8.27 -17.89
CA ASN A 154 -25.39 -7.23 -18.58
C ASN A 154 -25.39 -5.93 -17.78
N CYS A 155 -24.20 -5.42 -17.46
CA CYS A 155 -24.09 -4.18 -16.68
C CYS A 155 -24.13 -2.92 -17.52
N SER A 156 -24.10 -3.04 -18.84
CA SER A 156 -24.07 -1.87 -19.69
C SER A 156 -25.20 -0.87 -19.39
N GLY A 157 -24.84 0.39 -19.17
CA GLY A 157 -25.82 1.42 -18.85
C GLY A 157 -26.53 1.24 -17.51
N LYS A 158 -26.08 0.29 -16.69
CA LYS A 158 -26.63 0.14 -15.33
C LYS A 158 -25.80 0.96 -14.35
N ILE A 159 -26.39 1.27 -13.20
CA ILE A 159 -25.64 1.75 -12.03
C ILE A 159 -25.26 0.53 -11.19
N VAL A 160 -23.98 0.36 -10.93
CA VAL A 160 -23.57 -0.80 -10.17
C VAL A 160 -23.46 -0.40 -8.69
N ILE A 161 -23.86 -1.28 -7.79
CA ILE A 161 -23.62 -1.08 -6.38
C ILE A 161 -22.76 -2.27 -5.88
N ALA A 162 -21.71 -1.94 -5.14
CA ALA A 162 -20.70 -2.92 -4.77
C ALA A 162 -20.35 -2.69 -3.32
N ARG A 163 -20.09 -3.76 -2.55
CA ARG A 163 -19.62 -3.59 -1.22
C ARG A 163 -18.11 -3.38 -1.22
N TYR A 164 -17.66 -2.52 -0.31
CA TYR A 164 -16.22 -2.37 -0.08
C TYR A 164 -15.65 -3.67 0.45
N GLY A 165 -14.34 -3.85 0.25
CA GLY A 165 -13.64 -4.98 0.85
C GLY A 165 -12.90 -5.79 -0.22
N LYS A 166 -11.97 -6.60 0.29
CA LYS A 166 -11.22 -7.61 -0.51
C LYS A 166 -10.22 -7.05 -1.47
N VAL A 167 -10.58 -6.00 -2.21
CA VAL A 167 -9.63 -5.37 -3.19
C VAL A 167 -9.67 -3.84 -3.11
N PHE A 168 -8.61 -3.19 -3.60
CA PHE A 168 -8.60 -1.73 -3.69
C PHE A 168 -9.82 -1.19 -4.45
N ARG A 169 -10.42 -0.12 -3.89
CA ARG A 169 -11.65 0.44 -4.52
C ARG A 169 -11.50 0.91 -5.98
N GLY A 170 -10.29 1.35 -6.34
CA GLY A 170 -10.08 1.77 -7.68
C GLY A 170 -10.17 0.59 -8.66
N ASN A 171 -9.75 -0.61 -8.25
CA ASN A 171 -9.93 -1.81 -9.08
C ASN A 171 -11.42 -2.10 -9.34
N LYS A 172 -12.22 -1.88 -8.30
CA LYS A 172 -13.69 -2.07 -8.46
C LYS A 172 -14.27 -1.15 -9.53
N VAL A 173 -13.87 0.13 -9.49
CA VAL A 173 -14.37 1.14 -10.39
C VAL A 173 -13.88 0.83 -11.82
N LYS A 174 -12.59 0.47 -11.96
CA LYS A 174 -12.08 0.11 -13.28
C LYS A 174 -12.91 -1.08 -13.81
N ASN A 175 -13.17 -2.08 -12.96
CA ASN A 175 -13.93 -3.27 -13.37
C ASN A 175 -15.38 -2.86 -13.82
N ALA A 176 -15.99 -1.99 -13.03
CA ALA A 176 -17.36 -1.49 -13.34
C ALA A 176 -17.36 -0.74 -14.66
N GLN A 177 -16.35 0.12 -14.90
CA GLN A 177 -16.26 0.89 -16.14
C GLN A 177 -16.17 -0.04 -17.36
N LEU A 178 -15.34 -1.07 -17.27
CA LEU A 178 -15.11 -1.96 -18.42
C LEU A 178 -16.31 -2.85 -18.69
N ALA A 179 -17.11 -3.08 -17.65
CA ALA A 179 -18.40 -3.78 -17.78
C ALA A 179 -19.51 -2.91 -18.37
N GLY A 180 -19.23 -1.63 -18.62
CA GLY A 180 -20.18 -0.70 -19.24
C GLY A 180 -21.11 0.06 -18.28
N ALA A 181 -20.85 -0.03 -16.97
CA ALA A 181 -21.64 0.70 -15.97
C ALA A 181 -21.65 2.22 -16.23
N LYS A 182 -22.73 2.91 -15.85
CA LYS A 182 -22.70 4.36 -15.97
C LYS A 182 -22.50 5.10 -14.63
N GLY A 183 -22.30 4.35 -13.57
CA GLY A 183 -22.07 4.92 -12.24
C GLY A 183 -21.74 3.79 -11.30
N VAL A 184 -21.09 4.09 -10.18
CA VAL A 184 -20.78 3.10 -9.18
C VAL A 184 -21.10 3.68 -7.80
N ILE A 185 -21.80 2.90 -7.00
CA ILE A 185 -22.09 3.24 -5.60
C ILE A 185 -21.35 2.21 -4.77
N LEU A 186 -20.48 2.67 -3.86
CA LEU A 186 -19.73 1.80 -2.99
C LEU A 186 -20.33 1.89 -1.60
N TYR A 187 -20.44 0.77 -0.89
CA TYR A 187 -20.92 0.85 0.48
C TYR A 187 -20.23 -0.12 1.40
N SER A 188 -20.31 0.14 2.71
CA SER A 188 -19.70 -0.71 3.71
C SER A 188 -20.72 -1.72 4.27
N ASP A 189 -20.57 -2.99 3.93
CA ASP A 189 -21.51 -3.99 4.52
C ASP A 189 -21.07 -4.39 5.92
N PRO A 190 -22.03 -4.51 6.88
CA PRO A 190 -21.62 -5.00 8.18
C PRO A 190 -20.93 -6.36 8.17
N ALA A 191 -21.11 -7.16 7.12
CA ALA A 191 -20.45 -8.47 7.04
C ALA A 191 -18.92 -8.28 7.08
N ASP A 192 -18.51 -7.19 6.44
CA ASP A 192 -17.06 -6.88 6.29
C ASP A 192 -16.58 -5.83 7.31
N TYR A 193 -17.50 -4.98 7.79
CA TYR A 193 -17.14 -3.84 8.65
C TYR A 193 -17.79 -3.76 10.02
N PHE A 194 -18.43 -4.84 10.47
CA PHE A 194 -19.01 -4.83 11.83
C PHE A 194 -18.70 -6.17 12.47
N ALA A 195 -17.76 -6.18 13.38
CA ALA A 195 -17.32 -7.43 14.02
C ALA A 195 -18.41 -7.87 15.03
N PRO A 196 -18.87 -9.13 14.97
CA PRO A 196 -19.79 -9.67 15.99
C PRO A 196 -19.42 -9.39 17.44
N GLY A 197 -20.38 -8.90 18.22
CA GLY A 197 -20.15 -8.73 19.67
C GLY A 197 -19.44 -7.47 20.12
N VAL A 198 -19.14 -6.55 19.20
CA VAL A 198 -18.48 -5.30 19.57
C VAL A 198 -19.46 -4.13 19.24
N LYS A 199 -19.41 -3.10 20.05
CA LYS A 199 -20.28 -1.95 19.86
C LYS A 199 -19.76 -0.97 18.80
N SER A 200 -20.69 -0.33 18.10
CA SER A 200 -20.43 0.79 17.20
C SER A 200 -19.78 1.94 17.94
N TYR A 201 -18.97 2.73 17.21
CA TYR A 201 -18.40 3.91 17.76
C TYR A 201 -19.55 4.86 18.18
N PRO A 202 -19.42 5.58 19.32
CA PRO A 202 -18.31 5.81 20.25
C PRO A 202 -18.10 4.82 21.37
N ASP A 203 -18.88 3.75 21.39
CA ASP A 203 -18.84 2.81 22.49
C ASP A 203 -18.05 1.56 22.18
N GLY A 204 -17.64 1.40 20.91
CA GLY A 204 -16.72 0.34 20.57
C GLY A 204 -16.02 0.72 19.27
N TRP A 205 -15.36 -0.25 18.65
CA TRP A 205 -14.60 0.06 17.40
C TRP A 205 -15.28 -0.28 16.09
N ASN A 206 -16.55 -0.68 16.17
CA ASN A 206 -17.36 -0.94 14.99
C ASN A 206 -17.88 0.24 14.21
N LEU A 207 -18.16 0.02 12.93
CA LEU A 207 -18.69 1.02 12.05
C LEU A 207 -20.20 1.19 12.29
N PRO A 208 -20.64 2.40 12.64
CA PRO A 208 -22.10 2.65 12.71
C PRO A 208 -22.74 2.76 11.35
N GLY A 209 -24.06 2.63 11.31
CA GLY A 209 -24.73 2.63 10.04
C GLY A 209 -24.63 3.90 9.21
N GLY A 210 -24.28 5.02 9.85
CA GLY A 210 -24.13 6.30 9.19
C GLY A 210 -22.66 6.56 8.80
N GLY A 211 -21.78 5.68 9.26
CA GLY A 211 -20.32 5.78 8.92
C GLY A 211 -20.08 5.52 7.44
N VAL A 212 -19.04 6.17 6.89
CA VAL A 212 -18.73 5.97 5.47
C VAL A 212 -17.20 6.05 5.27
N GLN A 213 -16.76 5.24 4.33
CA GLN A 213 -15.32 5.17 4.02
C GLN A 213 -15.06 6.04 2.81
N ARG A 214 -14.29 7.13 3.02
CA ARG A 214 -13.75 7.97 1.94
C ARG A 214 -12.63 7.17 1.23
N GLY A 215 -12.25 7.67 0.07
CA GLY A 215 -11.07 7.11 -0.62
C GLY A 215 -11.02 7.43 -2.09
N ASN A 216 -9.78 7.51 -2.55
CA ASN A 216 -9.42 7.69 -3.94
C ASN A 216 -9.86 6.49 -4.76
N ILE A 217 -10.36 6.78 -5.96
CA ILE A 217 -10.76 5.73 -6.87
C ILE A 217 -9.98 5.72 -8.18
N LEU A 218 -8.89 6.50 -8.29
CA LEU A 218 -7.99 6.52 -9.47
C LEU A 218 -7.22 5.21 -9.58
N ASN A 219 -6.84 4.86 -10.79
CA ASN A 219 -5.98 3.69 -11.09
C ASN A 219 -4.78 4.22 -11.83
N LEU A 220 -3.82 4.80 -11.12
CA LEU A 220 -2.65 5.48 -11.69
C LEU A 220 -1.51 4.52 -12.13
N ASN A 221 -1.57 3.28 -11.62
CA ASN A 221 -0.48 2.31 -11.90
C ASN A 221 0.90 2.91 -11.73
N GLY A 222 1.04 3.65 -10.65
CA GLY A 222 2.40 4.09 -10.29
C GLY A 222 2.78 5.41 -10.84
N ALA A 223 1.86 6.13 -11.52
CA ALA A 223 2.29 7.35 -12.21
C ALA A 223 2.51 8.58 -11.30
N GLY A 224 1.82 8.64 -10.17
CA GLY A 224 1.88 9.85 -9.33
C GLY A 224 0.84 10.90 -9.75
N ASP A 225 1.20 12.18 -9.65
CA ASP A 225 0.28 13.25 -10.10
C ASP A 225 -0.25 12.91 -11.51
N PRO A 226 -1.59 12.90 -11.65
CA PRO A 226 -2.14 12.57 -12.95
C PRO A 226 -1.68 13.43 -14.13
N LEU A 227 -1.31 14.67 -13.83
CA LEU A 227 -0.92 15.59 -14.90
C LEU A 227 0.57 15.59 -15.34
N THR A 228 1.44 14.94 -14.56
CA THR A 228 2.88 15.06 -14.88
C THR A 228 3.61 13.71 -14.77
N PRO A 229 3.09 12.68 -15.44
CA PRO A 229 3.78 11.34 -15.26
C PRO A 229 5.21 11.35 -15.77
N GLY A 230 6.10 10.88 -14.91
CA GLY A 230 7.55 10.83 -15.19
C GLY A 230 8.37 11.96 -14.69
N TYR A 231 7.75 13.09 -14.31
CA TYR A 231 8.53 14.29 -13.99
C TYR A 231 7.90 14.98 -12.75
N PRO A 232 8.71 15.63 -11.89
CA PRO A 232 8.07 16.26 -10.73
C PRO A 232 7.19 17.46 -11.11
N ALA A 233 6.10 17.63 -10.34
CA ALA A 233 5.11 18.68 -10.55
C ALA A 233 5.60 20.00 -9.93
N ASN A 234 6.71 20.48 -10.49
CA ASN A 234 7.35 21.67 -9.96
C ASN A 234 6.75 22.92 -10.60
N GLU A 235 7.44 24.06 -10.42
CA GLU A 235 6.87 25.36 -10.76
C GLU A 235 6.75 25.51 -12.26
N TYR A 236 7.68 24.91 -13.01
CA TYR A 236 7.67 25.10 -14.45
C TYR A 236 7.18 23.89 -15.21
N ALA A 237 6.61 22.90 -14.51
CA ALA A 237 6.13 21.69 -15.13
C ALA A 237 5.11 21.95 -16.23
N TYR A 238 5.22 21.23 -17.35
CA TYR A 238 4.18 21.28 -18.35
C TYR A 238 3.16 20.18 -17.96
N ARG A 239 1.88 20.51 -18.04
CA ARG A 239 0.86 19.58 -17.52
C ARG A 239 -0.01 19.06 -18.63
N ARG A 240 -0.30 17.75 -18.58
CA ARG A 240 -1.34 17.22 -19.46
C ARG A 240 -2.63 17.99 -19.24
N GLY A 241 -3.36 18.16 -20.33
CA GLY A 241 -4.73 18.64 -20.23
C GLY A 241 -5.52 17.56 -19.54
N ILE A 242 -6.50 17.97 -18.73
CA ILE A 242 -7.34 17.01 -18.00
C ILE A 242 -7.81 15.80 -18.86
N ALA A 243 -8.18 16.04 -20.13
CA ALA A 243 -8.64 14.95 -20.99
C ALA A 243 -7.61 13.82 -21.19
N GLU A 244 -6.32 14.16 -21.04
CA GLU A 244 -5.24 13.15 -21.17
C GLU A 244 -4.65 12.71 -19.81
N ALA A 245 -5.33 13.09 -18.73
CA ALA A 245 -4.83 12.80 -17.40
C ALA A 245 -4.76 11.29 -17.12
N VAL A 246 -3.87 10.95 -16.19
CA VAL A 246 -3.61 9.57 -15.91
C VAL A 246 -4.63 9.04 -14.89
N GLY A 247 -5.32 7.96 -15.26
CA GLY A 247 -6.09 7.14 -14.31
C GLY A 247 -7.45 7.65 -13.86
N LEU A 248 -7.98 8.66 -14.58
CA LEU A 248 -9.25 9.32 -14.21
C LEU A 248 -10.42 8.47 -14.65
N PRO A 249 -11.35 8.21 -13.71
CA PRO A 249 -12.51 7.38 -14.02
C PRO A 249 -13.43 8.15 -14.95
N SER A 250 -14.15 7.42 -15.80
CA SER A 250 -15.08 8.04 -16.74
C SER A 250 -16.54 8.01 -16.28
N ILE A 251 -16.78 7.44 -15.10
CA ILE A 251 -18.14 7.32 -14.55
C ILE A 251 -18.18 7.82 -13.09
N PRO A 252 -19.29 8.48 -12.70
CA PRO A 252 -19.37 8.96 -11.30
C PRO A 252 -19.35 7.87 -10.26
N VAL A 253 -18.79 8.18 -9.10
CA VAL A 253 -18.67 7.19 -8.01
C VAL A 253 -18.94 7.88 -6.69
N HIS A 254 -19.58 7.18 -5.77
CA HIS A 254 -19.89 7.75 -4.46
C HIS A 254 -20.02 6.64 -3.42
N PRO A 255 -19.49 6.86 -2.21
CA PRO A 255 -19.58 5.89 -1.10
C PRO A 255 -20.68 6.26 -0.09
N ILE A 256 -21.27 5.23 0.51
CA ILE A 256 -22.38 5.38 1.46
C ILE A 256 -22.23 4.35 2.56
N GLY A 257 -22.91 4.62 3.68
CA GLY A 257 -22.99 3.70 4.80
C GLY A 257 -24.09 2.64 4.65
N TYR A 258 -24.17 1.72 5.61
CA TYR A 258 -25.07 0.59 5.42
C TYR A 258 -26.55 0.92 5.75
N TYR A 259 -26.80 1.95 6.55
CA TYR A 259 -28.25 2.42 6.64
C TYR A 259 -28.75 2.83 5.28
N ASP A 260 -28.00 3.69 4.59
CA ASP A 260 -28.33 4.11 3.24
C ASP A 260 -28.31 2.96 2.23
N ALA A 261 -27.30 2.06 2.35
CA ALA A 261 -27.26 0.92 1.42
C ALA A 261 -28.50 0.03 1.55
N GLN A 262 -28.94 -0.22 2.79
CA GLN A 262 -30.14 -1.02 3.04
C GLN A 262 -31.33 -0.48 2.22
N LYS A 263 -31.47 0.83 2.20
CA LYS A 263 -32.56 1.49 1.42
C LYS A 263 -32.43 1.28 -0.07
N LEU A 264 -31.20 1.20 -0.58
CA LEU A 264 -31.02 0.99 -2.01
C LEU A 264 -31.16 -0.48 -2.42
N LEU A 265 -30.78 -1.38 -1.52
CA LEU A 265 -30.73 -2.80 -1.80
C LEU A 265 -32.08 -3.50 -1.51
N GLU A 266 -32.83 -2.97 -0.54
CA GLU A 266 -34.07 -3.64 -0.08
C GLU A 266 -35.09 -3.94 -1.19
N LYS A 267 -35.22 -3.05 -2.16
CA LYS A 267 -36.19 -3.23 -3.25
C LYS A 267 -35.67 -4.03 -4.45
N MET A 268 -34.40 -4.47 -4.38
CA MET A 268 -33.80 -5.10 -5.56
C MET A 268 -34.50 -6.40 -6.05
N GLY A 269 -34.68 -6.46 -7.37
CA GLY A 269 -35.31 -7.60 -8.02
C GLY A 269 -34.37 -8.37 -8.92
N GLY A 270 -34.90 -8.85 -10.05
CA GLY A 270 -34.16 -9.68 -11.00
C GLY A 270 -33.69 -10.97 -10.36
N SER A 271 -32.48 -11.40 -10.73
CA SER A 271 -31.96 -12.70 -10.35
C SER A 271 -31.54 -12.75 -8.89
N ALA A 272 -31.67 -13.91 -8.27
CA ALA A 272 -31.22 -14.08 -6.89
C ALA A 272 -29.67 -14.10 -6.87
N PRO A 273 -29.05 -13.87 -5.70
CA PRO A 273 -27.60 -14.00 -5.59
C PRO A 273 -27.21 -15.42 -6.00
N PRO A 274 -26.07 -15.59 -6.72
CA PRO A 274 -25.71 -16.91 -7.22
C PRO A 274 -25.35 -17.92 -6.12
N ASP A 275 -24.92 -17.42 -4.97
CA ASP A 275 -24.58 -18.28 -3.85
C ASP A 275 -24.34 -17.40 -2.62
N SER A 276 -24.04 -18.04 -1.49
CA SER A 276 -24.00 -17.34 -0.21
C SER A 276 -22.85 -16.33 -0.07
N SER A 277 -21.78 -16.50 -0.86
CA SER A 277 -20.59 -15.63 -0.78
C SER A 277 -20.88 -14.25 -1.38
N TRP A 278 -22.09 -14.11 -1.94
CA TRP A 278 -22.58 -12.85 -2.49
C TRP A 278 -23.53 -12.14 -1.51
N ARG A 279 -23.92 -12.83 -0.44
CA ARG A 279 -24.81 -12.26 0.55
C ARG A 279 -24.01 -11.66 1.71
N GLY A 280 -24.20 -10.37 1.98
CA GLY A 280 -23.73 -9.74 3.21
C GLY A 280 -24.66 -9.96 4.40
N SER A 281 -24.57 -9.08 5.39
CA SER A 281 -25.25 -9.26 6.69
C SER A 281 -26.52 -8.43 6.86
N LEU A 282 -26.88 -7.64 5.86
CA LEU A 282 -28.08 -6.82 5.95
C LEU A 282 -29.32 -7.69 5.73
N LYS A 283 -30.45 -7.22 6.24
CA LYS A 283 -31.70 -7.96 6.08
C LYS A 283 -32.33 -7.63 4.74
N VAL A 284 -31.67 -8.11 3.67
CA VAL A 284 -32.09 -7.94 2.29
C VAL A 284 -31.78 -9.23 1.50
N PRO A 285 -32.45 -9.45 0.34
CA PRO A 285 -32.17 -10.69 -0.41
C PRO A 285 -30.79 -10.72 -1.09
N TYR A 286 -30.25 -9.54 -1.41
CA TYR A 286 -28.98 -9.43 -2.18
C TYR A 286 -29.18 -9.95 -3.59
N ASN A 287 -30.37 -9.68 -4.14
CA ASN A 287 -30.69 -9.96 -5.52
C ASN A 287 -29.78 -9.11 -6.37
N VAL A 288 -29.35 -9.68 -7.48
CA VAL A 288 -28.37 -9.02 -8.34
C VAL A 288 -29.02 -7.96 -9.22
N GLY A 289 -30.33 -8.04 -9.45
CA GLY A 289 -30.98 -7.11 -10.36
C GLY A 289 -31.02 -7.70 -11.77
N PRO A 290 -31.05 -6.85 -12.80
CA PRO A 290 -31.11 -5.40 -12.76
C PRO A 290 -32.43 -4.85 -12.18
N GLY A 291 -32.36 -3.68 -11.55
CA GLY A 291 -33.55 -2.98 -11.08
C GLY A 291 -34.31 -3.55 -9.91
N PHE A 292 -35.47 -2.94 -9.63
CA PHE A 292 -36.30 -3.22 -8.45
C PHE A 292 -37.43 -4.22 -8.76
N THR A 293 -37.91 -4.93 -7.72
CA THR A 293 -39.04 -5.88 -7.84
C THR A 293 -40.32 -5.18 -8.32
N GLY A 294 -41.18 -5.95 -9.01
CA GLY A 294 -42.37 -5.46 -9.71
C GLY A 294 -43.07 -4.19 -9.27
N ASN A 295 -43.43 -4.12 -7.99
CA ASN A 295 -44.14 -2.94 -7.42
C ASN A 295 -43.37 -1.63 -7.59
N PHE A 296 -42.05 -1.72 -7.52
CA PHE A 296 -41.17 -0.57 -7.61
C PHE A 296 -40.38 -0.51 -8.92
N SER A 297 -40.79 -1.34 -9.89
CA SER A 297 -40.05 -1.49 -11.15
C SER A 297 -39.83 -0.20 -11.90
N THR A 298 -40.63 0.82 -11.64
CA THR A 298 -40.49 2.10 -12.36
C THR A 298 -39.64 3.15 -11.62
N GLN A 299 -39.29 2.87 -10.37
CA GLN A 299 -38.35 3.71 -9.64
C GLN A 299 -36.92 3.46 -10.15
N LYS A 300 -36.10 4.51 -10.18
CA LYS A 300 -34.70 4.40 -10.61
C LYS A 300 -33.80 4.94 -9.50
N VAL A 301 -32.49 4.76 -9.68
CA VAL A 301 -31.52 5.37 -8.77
C VAL A 301 -30.83 6.49 -9.53
N LYS A 302 -30.62 7.62 -8.86
CA LYS A 302 -30.00 8.78 -9.49
C LYS A 302 -28.84 9.32 -8.62
N MET A 303 -27.65 9.38 -9.23
CA MET A 303 -26.51 9.95 -8.53
C MET A 303 -26.43 11.44 -8.81
N HIS A 304 -25.90 12.20 -7.86
CA HIS A 304 -25.59 13.63 -8.11
C HIS A 304 -24.19 13.90 -7.59
N ILE A 305 -23.26 14.00 -8.54
CA ILE A 305 -21.84 14.19 -8.21
C ILE A 305 -21.33 15.47 -8.85
N HIS A 306 -20.79 16.36 -8.02
CA HIS A 306 -20.39 17.71 -8.45
C HIS A 306 -18.98 18.08 -7.98
N SER A 307 -18.22 17.06 -7.55
CA SER A 307 -16.86 17.33 -7.07
C SER A 307 -16.02 17.90 -8.21
N THR A 308 -14.95 18.60 -7.85
CA THR A 308 -14.06 19.18 -8.86
C THR A 308 -12.62 18.84 -8.61
N ASN A 309 -11.88 18.66 -9.69
CA ASN A 309 -10.45 18.42 -9.62
C ASN A 309 -9.75 19.73 -9.76
N GLU A 310 -8.72 19.95 -8.95
CA GLU A 310 -8.03 21.24 -8.98
C GLU A 310 -6.56 21.08 -8.61
N VAL A 311 -5.72 21.77 -9.37
CA VAL A 311 -4.26 21.72 -9.08
C VAL A 311 -4.04 22.48 -7.77
N THR A 312 -3.37 21.83 -6.84
CA THR A 312 -3.25 22.30 -5.47
C THR A 312 -1.84 22.01 -4.92
N ARG A 313 -1.33 22.91 -4.09
CA ARG A 313 0.03 22.75 -3.60
C ARG A 313 0.02 21.78 -2.42
N ILE A 314 1.01 20.90 -2.41
CA ILE A 314 1.21 19.90 -1.33
C ILE A 314 2.66 20.05 -0.84
N TYR A 315 2.89 19.53 0.36
CA TYR A 315 4.14 19.76 1.05
C TYR A 315 4.66 18.52 1.71
N ASN A 316 5.87 18.10 1.33
CA ASN A 316 6.54 17.00 2.04
C ASN A 316 7.56 17.59 3.01
N VAL A 317 7.74 17.00 4.19
CA VAL A 317 8.84 17.43 5.08
C VAL A 317 9.96 16.42 4.92
N ILE A 318 11.17 16.88 4.60
CA ILE A 318 12.32 15.96 4.36
C ILE A 318 13.45 16.33 5.36
N GLY A 319 13.72 15.43 6.28
CA GLY A 319 14.80 15.64 7.32
C GLY A 319 15.99 14.75 7.03
N THR A 320 17.21 15.27 7.27
CA THR A 320 18.42 14.53 6.94
C THR A 320 19.26 14.41 8.21
N LEU A 321 19.74 13.21 8.47
CA LEU A 321 20.76 13.02 9.51
C LEU A 321 21.94 12.45 8.74
N ARG A 322 22.92 13.30 8.45
CA ARG A 322 24.09 12.89 7.66
C ARG A 322 24.91 11.72 8.28
N GLY A 323 25.28 10.70 7.47
CA GLY A 323 26.11 9.60 7.92
C GLY A 323 27.56 10.04 8.14
N ALA A 324 28.19 9.38 9.10
CA ALA A 324 29.56 9.73 9.51
C ALA A 324 30.56 9.16 8.53
N VAL A 325 30.20 8.05 7.87
CA VAL A 325 31.22 7.29 7.10
C VAL A 325 30.76 7.17 5.63
N GLU A 326 29.47 6.85 5.46
CA GLU A 326 28.94 6.76 4.07
C GLU A 326 27.75 7.73 3.91
N PRO A 327 28.01 9.05 3.89
CA PRO A 327 26.95 10.05 3.78
C PRO A 327 26.21 9.94 2.44
N ASP A 328 26.84 9.30 1.46
CA ASP A 328 26.19 9.16 0.16
C ASP A 328 25.44 7.85 0.05
N ARG A 329 25.01 7.26 1.17
CA ARG A 329 24.17 6.07 1.17
C ARG A 329 22.98 6.41 2.05
N TYR A 330 21.77 6.27 1.48
CA TYR A 330 20.51 6.74 2.11
C TYR A 330 19.64 5.60 2.58
N VAL A 331 19.30 5.65 3.87
CA VAL A 331 18.29 4.76 4.42
C VAL A 331 17.08 5.68 4.74
N ILE A 332 15.92 5.36 4.21
CA ILE A 332 14.81 6.31 4.26
C ILE A 332 13.68 5.73 5.11
N LEU A 333 13.19 6.54 6.07
CA LEU A 333 11.95 6.18 6.83
C LEU A 333 10.89 7.18 6.48
N GLY A 334 9.82 6.71 5.86
CA GLY A 334 8.82 7.70 5.36
C GLY A 334 7.44 7.20 5.63
N GLY A 335 6.53 8.18 5.84
CA GLY A 335 5.10 7.81 5.95
C GLY A 335 4.33 9.11 5.77
N HIS A 336 3.02 8.98 5.50
CA HIS A 336 2.31 10.21 5.16
C HIS A 336 1.73 10.95 6.38
N ARG A 337 1.33 12.18 6.13
CA ARG A 337 0.86 13.14 7.15
C ARG A 337 -0.62 13.51 6.83
N ASP A 338 -0.98 13.57 5.55
CA ASP A 338 -2.38 13.95 5.19
C ASP A 338 -3.34 12.89 5.62
N SER A 339 -4.56 13.32 6.02
CA SER A 339 -5.56 12.36 6.47
C SER A 339 -6.86 12.74 5.76
N TRP A 340 -7.82 11.84 5.75
CA TRP A 340 -9.16 12.17 5.20
C TRP A 340 -9.90 13.08 6.18
N VAL A 341 -9.90 12.70 7.45
CA VAL A 341 -10.44 13.59 8.49
C VAL A 341 -9.39 13.73 9.61
N PHE A 342 -9.63 13.15 10.79
CA PHE A 342 -8.72 13.35 11.93
C PHE A 342 -7.51 12.43 11.87
N GLY A 343 -7.64 11.34 11.12
CA GLY A 343 -6.49 10.40 10.97
C GLY A 343 -5.99 9.74 12.26
N GLY A 344 -6.90 9.41 13.19
CA GLY A 344 -6.49 8.85 14.47
C GLY A 344 -5.68 7.57 14.32
N ILE A 345 -6.03 6.71 13.36
CA ILE A 345 -5.11 5.60 13.02
C ILE A 345 -4.33 5.97 11.74
N ASP A 346 -5.07 6.28 10.70
CA ASP A 346 -4.45 6.46 9.37
C ASP A 346 -4.34 7.96 9.04
N PRO A 347 -3.14 8.58 9.06
CA PRO A 347 -1.79 8.00 9.27
C PRO A 347 -1.19 8.33 10.61
N GLN A 348 -1.92 9.04 11.49
CA GLN A 348 -1.20 9.61 12.62
C GLN A 348 -0.63 8.60 13.65
N SER A 349 -1.18 7.41 13.68
CA SER A 349 -0.57 6.38 14.56
C SER A 349 0.81 6.05 14.01
N GLY A 350 1.01 6.16 12.69
CA GLY A 350 2.35 5.97 12.09
C GLY A 350 3.24 7.22 12.20
N ALA A 351 2.69 8.41 11.90
CA ALA A 351 3.43 9.67 11.98
C ALA A 351 3.94 9.93 13.43
N ALA A 352 3.14 9.55 14.44
CA ALA A 352 3.58 9.73 15.83
C ALA A 352 4.77 8.86 16.16
N VAL A 353 4.73 7.65 15.58
CA VAL A 353 5.86 6.69 15.72
C VAL A 353 7.11 7.26 15.01
N VAL A 354 6.97 7.78 13.78
CA VAL A 354 8.13 8.41 13.12
C VAL A 354 8.68 9.59 13.93
N HIS A 355 7.79 10.41 14.46
CA HIS A 355 8.18 11.54 15.28
C HIS A 355 9.05 11.09 16.45
N GLU A 356 8.64 10.02 17.13
CA GLU A 356 9.41 9.54 18.31
C GLU A 356 10.72 8.90 17.89
N ILE A 357 10.73 8.28 16.71
CA ILE A 357 12.00 7.74 16.17
C ILE A 357 12.98 8.85 15.83
N VAL A 358 12.50 9.91 15.19
CA VAL A 358 13.33 11.08 14.95
C VAL A 358 13.88 11.62 16.28
N ARG A 359 12.99 11.73 17.27
CA ARG A 359 13.42 12.28 18.56
C ARG A 359 14.56 11.46 19.18
N SER A 360 14.43 10.13 19.17
CA SER A 360 15.39 9.19 19.72
C SER A 360 16.72 9.30 18.95
N PHE A 361 16.68 9.27 17.60
CA PHE A 361 17.95 9.40 16.84
C PHE A 361 18.59 10.74 17.12
N GLY A 362 17.80 11.82 17.22
CA GLY A 362 18.30 13.16 17.53
C GLY A 362 18.95 13.20 18.93
N THR A 363 18.41 12.46 19.89
CA THR A 363 19.02 12.38 21.24
C THR A 363 20.45 11.76 21.19
N LEU A 364 20.63 10.70 20.41
CA LEU A 364 21.97 10.12 20.22
C LEU A 364 22.89 11.10 19.53
N LYS A 365 22.37 11.72 18.48
CA LYS A 365 23.15 12.68 17.76
C LYS A 365 23.63 13.83 18.68
N LYS A 366 22.78 14.31 19.58
CA LYS A 366 23.21 15.41 20.47
C LYS A 366 24.35 15.03 21.40
N GLU A 367 24.44 13.74 21.70
CA GLU A 367 25.53 13.15 22.52
C GLU A 367 26.74 12.73 21.68
N GLY A 368 26.75 13.12 20.40
CA GLY A 368 27.92 12.95 19.55
C GLY A 368 27.92 11.81 18.56
N TRP A 369 26.81 11.06 18.52
CA TRP A 369 26.74 9.91 17.65
C TRP A 369 26.18 10.36 16.30
N ARG A 370 26.60 9.65 15.27
CA ARG A 370 25.97 9.78 13.94
C ARG A 370 25.92 8.38 13.44
N PRO A 371 24.89 8.07 12.62
CA PRO A 371 24.82 6.75 12.02
C PRO A 371 25.93 6.60 10.95
N ARG A 372 26.21 5.38 10.57
CA ARG A 372 27.29 5.11 9.55
C ARG A 372 26.85 5.74 8.20
N ARG A 373 25.63 5.39 7.77
CA ARG A 373 25.03 5.94 6.54
C ARG A 373 24.00 7.04 6.88
N THR A 374 23.63 7.82 5.87
CA THR A 374 22.69 8.93 6.00
C THR A 374 21.28 8.33 6.18
N ILE A 375 20.53 8.92 7.12
CA ILE A 375 19.12 8.57 7.27
C ILE A 375 18.30 9.77 6.84
N LEU A 376 17.32 9.50 5.97
CA LEU A 376 16.37 10.52 5.53
C LEU A 376 15.00 10.12 6.13
N PHE A 377 14.30 11.12 6.64
CA PHE A 377 12.97 10.99 7.26
C PHE A 377 12.01 11.81 6.45
N ALA A 378 10.87 11.23 6.14
CA ALA A 378 9.91 11.95 5.31
C ALA A 378 8.50 11.89 5.92
N SER A 379 7.86 13.06 5.85
CA SER A 379 6.43 13.25 6.19
C SER A 379 5.76 13.57 4.85
N TRP A 380 5.19 12.55 4.22
CA TRP A 380 4.68 12.76 2.84
C TRP A 380 3.29 13.41 2.86
N ASP A 381 3.01 14.12 1.77
CA ASP A 381 1.68 14.76 1.63
C ASP A 381 0.90 13.98 0.57
N ALA A 382 -0.43 14.16 0.57
CA ALA A 382 -1.30 13.63 -0.46
C ALA A 382 -1.19 12.13 -0.75
N GLU A 383 -0.86 11.33 0.28
CA GLU A 383 -0.88 9.87 0.08
C GLU A 383 -2.28 9.46 -0.28
N GLU A 384 -3.27 10.09 0.36
CA GLU A 384 -4.66 9.65 0.21
C GLU A 384 -5.22 9.89 -1.21
N PHE A 385 -4.53 10.73 -2.00
CA PHE A 385 -4.97 11.08 -3.34
C PHE A 385 -4.19 10.31 -4.41
N GLY A 386 -3.49 9.26 -4.00
CA GLY A 386 -2.75 8.42 -4.97
C GLY A 386 -1.22 8.41 -4.78
N LEU A 387 -0.75 8.49 -3.54
CA LEU A 387 0.73 8.46 -3.28
C LEU A 387 1.44 9.64 -3.96
N LEU A 388 0.79 10.80 -4.00
CA LEU A 388 1.28 11.88 -4.86
C LEU A 388 2.54 12.48 -4.28
N GLY A 389 2.63 12.75 -2.98
CA GLY A 389 3.84 13.45 -2.42
C GLY A 389 5.12 12.61 -2.52
N SER A 390 4.99 11.31 -2.17
CA SER A 390 6.18 10.39 -2.22
C SER A 390 6.60 10.28 -3.68
N THR A 391 5.61 10.12 -4.55
CA THR A 391 5.92 9.83 -5.96
C THR A 391 6.58 11.03 -6.59
N GLU A 392 6.04 12.24 -6.37
CA GLU A 392 6.64 13.44 -7.02
C GLU A 392 8.06 13.66 -6.48
N TRP A 393 8.26 13.45 -5.16
CA TRP A 393 9.60 13.60 -4.62
C TRP A 393 10.59 12.59 -5.21
N ALA A 394 10.13 11.36 -5.36
CA ALA A 394 11.00 10.32 -5.92
C ALA A 394 11.25 10.62 -7.40
N GLU A 395 10.25 11.14 -8.14
CA GLU A 395 10.50 11.60 -9.54
C GLU A 395 11.57 12.72 -9.58
N GLU A 396 11.49 13.67 -8.65
CA GLU A 396 12.43 14.77 -8.64
C GLU A 396 13.84 14.20 -8.34
N ASN A 397 13.95 13.24 -7.42
CA ASN A 397 15.25 12.77 -6.87
C ASN A 397 15.70 11.43 -7.38
N SER A 398 15.10 10.98 -8.50
CA SER A 398 15.31 9.56 -8.90
C SER A 398 16.76 9.21 -9.13
N ARG A 399 17.55 10.16 -9.64
CA ARG A 399 18.97 9.80 -9.92
C ARG A 399 19.71 9.59 -8.59
N LEU A 400 19.42 10.42 -7.61
CA LEU A 400 20.07 10.26 -6.32
C LEU A 400 19.63 8.94 -5.65
N LEU A 401 18.33 8.62 -5.77
CA LEU A 401 17.80 7.45 -5.11
C LEU A 401 18.32 6.20 -5.74
N GLN A 402 18.36 6.18 -7.07
CA GLN A 402 18.77 4.95 -7.74
C GLN A 402 20.25 4.62 -7.52
N GLU A 403 21.07 5.66 -7.35
CA GLU A 403 22.52 5.36 -7.20
C GLU A 403 22.95 5.31 -5.71
N ARG A 404 22.09 5.75 -4.82
CA ARG A 404 22.46 5.90 -3.41
C ARG A 404 21.48 5.27 -2.45
N GLY A 405 20.29 4.87 -2.93
CA GLY A 405 19.22 4.38 -2.00
C GLY A 405 19.47 2.96 -1.53
N VAL A 406 19.73 2.82 -0.23
CA VAL A 406 19.88 1.52 0.38
C VAL A 406 18.57 0.78 0.65
N ALA A 407 17.64 1.48 1.32
CA ALA A 407 16.41 0.87 1.73
C ALA A 407 15.43 1.96 2.09
N TYR A 408 14.15 1.54 2.01
CA TYR A 408 12.99 2.40 2.35
C TYR A 408 12.15 1.59 3.30
N ILE A 409 11.88 2.20 4.46
CA ILE A 409 10.94 1.62 5.42
C ILE A 409 9.73 2.56 5.54
N ASN A 410 8.56 2.01 5.24
CA ASN A 410 7.31 2.82 5.27
C ASN A 410 6.85 3.01 6.71
N ALA A 411 5.96 3.99 6.93
CA ALA A 411 5.45 4.21 8.30
C ALA A 411 4.06 4.89 8.22
N ASP A 412 3.15 4.23 7.53
CA ASP A 412 1.71 4.58 7.68
C ASP A 412 1.24 3.97 9.03
N SER A 413 -0.07 3.78 9.17
CA SER A 413 -0.69 3.35 10.47
C SER A 413 0.12 2.29 11.19
N SER A 414 0.41 2.56 12.46
CA SER A 414 1.18 1.59 13.26
C SER A 414 0.32 0.42 13.75
N ILE A 415 -0.97 0.64 13.85
CA ILE A 415 -1.89 -0.36 14.37
C ILE A 415 -3.10 -0.39 13.49
N GLU A 416 -3.60 -1.57 13.14
CA GLU A 416 -4.93 -1.71 12.54
C GLU A 416 -5.70 -2.77 13.31
N GLY A 417 -5.11 -3.13 14.46
CA GLY A 417 -5.59 -4.19 15.34
C GLY A 417 -4.59 -4.35 16.47
N ASN A 418 -4.86 -5.30 17.36
CA ASN A 418 -3.96 -5.49 18.49
C ASN A 418 -3.61 -6.96 18.72
N TYR A 419 -3.67 -7.73 17.66
CA TYR A 419 -3.44 -9.17 17.74
C TYR A 419 -1.97 -9.57 17.56
N THR A 420 -1.40 -9.21 16.40
CA THR A 420 0.01 -9.58 16.18
C THR A 420 0.64 -8.68 15.12
N LEU A 421 1.90 -8.94 14.82
CA LEU A 421 2.68 -8.11 13.89
C LEU A 421 2.32 -8.52 12.48
N ARG A 422 2.44 -7.58 11.55
CA ARG A 422 2.19 -7.87 10.16
C ARG A 422 3.36 -7.23 9.41
N VAL A 423 4.11 -8.03 8.63
CA VAL A 423 5.31 -7.47 7.96
C VAL A 423 5.17 -7.84 6.49
N ASP A 424 5.40 -6.87 5.59
CA ASP A 424 5.47 -7.11 4.14
C ASP A 424 6.82 -6.48 3.74
N CYS A 425 7.66 -7.26 3.01
CA CYS A 425 8.99 -6.70 2.70
C CYS A 425 9.67 -7.51 1.64
N THR A 426 10.72 -6.94 1.04
CA THR A 426 11.57 -7.72 0.14
C THR A 426 12.22 -8.93 0.86
N PRO A 427 12.40 -10.05 0.15
CA PRO A 427 13.20 -11.16 0.73
C PRO A 427 14.52 -10.70 1.29
N LEU A 428 15.13 -9.63 0.74
CA LEU A 428 16.44 -9.17 1.23
C LEU A 428 16.44 -8.78 2.71
N MET A 429 15.25 -8.44 3.21
CA MET A 429 15.12 -8.03 4.60
C MET A 429 14.58 -9.12 5.54
N TYR A 430 14.26 -10.33 5.04
CA TYR A 430 13.74 -11.41 5.91
C TYR A 430 14.61 -11.65 7.15
N SER A 431 15.92 -11.86 6.91
CA SER A 431 16.83 -12.21 8.02
C SER A 431 16.93 -11.08 9.03
N LEU A 432 17.04 -9.84 8.55
CA LEU A 432 17.03 -8.66 9.39
C LEU A 432 15.77 -8.67 10.30
N VAL A 433 14.61 -8.90 9.70
CA VAL A 433 13.33 -8.84 10.47
C VAL A 433 13.29 -9.96 11.51
N HIS A 434 13.68 -11.17 11.10
CA HIS A 434 13.69 -12.33 12.01
C HIS A 434 14.64 -12.03 13.17
N ASN A 435 15.84 -11.58 12.85
CA ASN A 435 16.81 -11.33 13.91
C ASN A 435 16.35 -10.25 14.86
N LEU A 436 15.77 -9.17 14.32
CA LEU A 436 15.47 -8.02 15.16
C LEU A 436 14.31 -8.39 16.08
N THR A 437 13.31 -9.05 15.52
CA THR A 437 12.13 -9.45 16.35
C THR A 437 12.48 -10.46 17.46
N LYS A 438 13.53 -11.27 17.27
CA LYS A 438 14.05 -12.14 18.34
C LYS A 438 14.65 -11.38 19.50
N GLU A 439 15.03 -10.13 19.29
CA GLU A 439 15.70 -9.31 20.29
C GLU A 439 14.71 -8.39 21.00
N LEU A 440 13.47 -8.35 20.53
CA LEU A 440 12.47 -7.41 21.05
C LEU A 440 11.49 -8.16 21.91
N LYS A 441 11.00 -7.48 22.95
CA LYS A 441 10.00 -8.08 23.84
C LYS A 441 8.63 -8.07 23.19
N SER A 442 7.87 -9.13 23.39
CA SER A 442 6.47 -9.16 22.95
C SER A 442 5.60 -8.31 23.86
N PRO A 443 4.68 -7.52 23.26
CA PRO A 443 3.73 -6.74 24.07
C PRO A 443 2.47 -7.53 24.37
N ASP A 444 2.39 -8.75 23.85
CA ASP A 444 1.14 -9.50 23.78
C ASP A 444 0.81 -10.07 25.17
N GLU A 445 -0.49 -10.13 25.45
CA GLU A 445 -0.98 -10.82 26.65
C GLU A 445 -0.63 -12.29 26.57
N GLY A 446 0.02 -12.80 27.61
CA GLY A 446 0.30 -14.23 27.65
C GLY A 446 1.69 -14.54 27.12
N PHE A 447 2.37 -13.53 26.60
CA PHE A 447 3.71 -13.77 26.05
C PHE A 447 4.68 -12.90 26.81
N GLU A 448 4.34 -12.57 28.05
CA GLU A 448 5.28 -11.72 28.79
C GLU A 448 6.60 -12.45 29.05
N GLY A 449 7.69 -11.72 28.91
CA GLY A 449 9.03 -12.31 28.91
C GLY A 449 9.41 -13.11 27.66
N LYS A 450 8.50 -13.23 26.69
CA LYS A 450 8.77 -13.90 25.40
C LYS A 450 9.18 -12.85 24.35
N SER A 451 9.89 -13.28 23.32
CA SER A 451 10.29 -12.35 22.23
C SER A 451 9.08 -12.07 21.34
N LEU A 452 9.15 -10.95 20.62
CA LEU A 452 8.16 -10.62 19.58
C LEU A 452 8.18 -11.69 18.49
N TYR A 453 9.37 -12.20 18.15
CA TYR A 453 9.43 -13.27 17.17
C TYR A 453 8.60 -14.46 17.62
N GLU A 454 8.69 -14.80 18.92
CA GLU A 454 7.91 -15.93 19.41
C GLU A 454 6.39 -15.69 19.32
N SER A 455 5.91 -14.51 19.75
CA SER A 455 4.46 -14.28 19.68
C SER A 455 3.94 -14.16 18.24
N TRP A 456 4.70 -13.45 17.42
CA TRP A 456 4.38 -13.33 16.00
C TRP A 456 4.33 -14.66 15.25
N THR A 457 5.34 -15.51 15.44
CA THR A 457 5.39 -16.79 14.74
C THR A 457 4.25 -17.72 15.16
N LYS A 458 3.93 -17.67 16.46
CA LYS A 458 2.81 -18.46 16.96
C LYS A 458 1.48 -17.99 16.36
N LYS A 459 1.25 -16.67 16.34
CA LYS A 459 -0.03 -16.09 15.89
C LYS A 459 -0.22 -15.99 14.37
N SER A 460 0.89 -15.94 13.63
CA SER A 460 0.87 -15.76 12.18
C SER A 460 1.91 -16.67 11.50
N PRO A 461 1.71 -18.00 11.62
CA PRO A 461 2.69 -18.97 11.14
C PRO A 461 2.87 -18.85 9.64
N SER A 462 4.11 -19.02 9.19
CA SER A 462 4.39 -19.12 7.76
C SER A 462 3.63 -20.29 7.13
N PRO A 463 3.00 -20.08 5.97
CA PRO A 463 2.40 -21.25 5.31
C PRO A 463 3.46 -22.28 4.86
N GLU A 464 4.67 -21.82 4.52
CA GLU A 464 5.75 -22.74 4.11
C GLU A 464 6.56 -23.43 5.24
N PHE A 465 6.99 -22.69 6.26
CA PHE A 465 7.97 -23.23 7.21
C PHE A 465 7.55 -23.24 8.67
N SER A 466 7.71 -24.39 9.31
CA SER A 466 7.44 -24.51 10.74
C SER A 466 8.38 -23.57 11.45
N GLY A 467 7.87 -22.90 12.48
CA GLY A 467 8.72 -22.13 13.38
C GLY A 467 9.19 -20.82 12.76
N MET A 468 8.67 -20.51 11.57
CA MET A 468 8.82 -19.18 10.89
C MET A 468 7.48 -18.39 10.79
N PRO A 469 7.55 -17.04 10.94
CA PRO A 469 6.34 -16.20 10.77
C PRO A 469 6.02 -15.90 9.30
N ARG A 470 4.77 -15.54 9.00
CA ARG A 470 4.38 -15.12 7.67
C ARG A 470 4.97 -13.70 7.38
N ILE A 471 5.53 -13.54 6.18
CA ILE A 471 5.89 -12.18 5.69
C ILE A 471 5.33 -12.11 4.28
N SER A 472 4.55 -11.08 3.98
CA SER A 472 3.86 -10.97 2.72
C SER A 472 4.67 -10.15 1.70
N LYS A 473 4.19 -10.24 0.46
CA LYS A 473 4.83 -9.57 -0.71
C LYS A 473 4.39 -8.14 -0.72
N LEU A 474 5.18 -7.28 -1.36
CA LEU A 474 4.81 -5.87 -1.56
C LEU A 474 4.17 -5.67 -2.92
N GLY A 475 2.96 -5.08 -2.89
CA GLY A 475 2.28 -4.68 -4.10
C GLY A 475 2.29 -3.15 -4.07
N SER A 476 1.10 -2.55 -3.90
CA SER A 476 1.03 -1.11 -3.74
C SER A 476 0.07 -0.79 -2.58
N GLY A 477 -0.59 0.38 -2.66
CA GLY A 477 -1.54 0.78 -1.58
C GLY A 477 -0.89 1.66 -0.52
N ASN A 478 0.40 2.05 -0.75
CA ASN A 478 1.09 2.93 0.18
C ASN A 478 2.40 3.50 -0.39
N ASP A 479 3.03 4.41 0.36
CA ASP A 479 4.07 5.28 -0.18
C ASP A 479 5.37 4.55 -0.53
N PHE A 480 5.49 3.27 -0.16
CA PHE A 480 6.72 2.55 -0.58
C PHE A 480 6.67 2.28 -2.11
N GLU A 481 5.49 2.41 -2.74
CA GLU A 481 5.35 1.92 -4.12
C GLU A 481 6.43 2.46 -5.08
N VAL A 482 6.63 3.78 -5.10
CA VAL A 482 7.56 4.29 -6.09
C VAL A 482 8.99 3.78 -5.82
N PHE A 483 9.36 3.73 -4.55
CA PHE A 483 10.70 3.24 -4.22
C PHE A 483 10.91 1.82 -4.61
N PHE A 484 9.92 0.94 -4.40
CA PHE A 484 10.13 -0.52 -4.63
C PHE A 484 9.82 -0.89 -6.07
N GLN A 485 8.61 -0.49 -6.53
CA GLN A 485 8.16 -0.97 -7.84
C GLN A 485 8.75 -0.18 -9.03
N ARG A 486 9.02 1.13 -8.80
CA ARG A 486 9.57 1.94 -9.91
C ARG A 486 11.08 1.92 -9.88
N LEU A 487 11.65 2.20 -8.70
CA LEU A 487 13.08 2.38 -8.60
C LEU A 487 13.89 1.14 -8.15
N GLY A 488 13.29 0.12 -7.55
CA GLY A 488 14.04 -1.07 -7.17
C GLY A 488 14.90 -0.84 -5.96
N ILE A 489 14.39 -0.07 -4.99
CA ILE A 489 15.09 0.10 -3.69
C ILE A 489 14.44 -0.87 -2.68
N ALA A 490 15.27 -1.70 -2.01
CA ALA A 490 14.76 -2.67 -1.03
C ALA A 490 13.82 -1.96 -0.04
N SER A 491 12.60 -2.48 0.11
CA SER A 491 11.61 -1.79 0.97
C SER A 491 10.95 -2.78 1.95
N GLY A 492 10.42 -2.20 3.05
CA GLY A 492 9.67 -3.03 4.01
C GLY A 492 8.68 -2.14 4.79
N ARG A 493 7.78 -2.86 5.46
CA ARG A 493 6.79 -2.21 6.30
C ARG A 493 6.42 -3.21 7.42
N ALA A 494 5.98 -2.64 8.56
CA ALA A 494 5.55 -3.51 9.70
C ALA A 494 4.50 -2.71 10.48
N ARG A 495 3.52 -3.40 11.01
CA ARG A 495 2.46 -2.77 11.81
C ARG A 495 1.85 -3.86 12.64
N TYR A 496 1.05 -3.42 13.61
CA TYR A 496 0.21 -4.39 14.34
C TYR A 496 -1.13 -4.52 13.65
N THR A 497 -1.68 -5.73 13.64
CA THR A 497 -2.87 -6.03 12.87
C THR A 497 -3.85 -6.90 13.70
N LYS A 498 -5.05 -7.08 13.15
CA LYS A 498 -6.07 -7.96 13.75
C LYS A 498 -5.94 -9.44 13.35
N ASN A 499 -6.70 -10.31 14.03
CA ASN A 499 -6.87 -11.72 13.65
C ASN A 499 -7.94 -11.82 12.58
N ASN A 503 -10.37 -10.62 6.16
CA ASN A 503 -10.47 -9.17 5.98
C ASN A 503 -9.16 -8.41 5.70
N LYS A 504 -8.11 -9.15 5.32
CA LYS A 504 -6.75 -8.62 5.11
C LYS A 504 -6.68 -7.29 4.30
N PHE A 505 -7.35 -7.25 3.15
CA PHE A 505 -7.32 -6.06 2.29
C PHE A 505 -8.52 -5.14 2.49
N SER A 506 -9.38 -5.45 3.47
CA SER A 506 -10.66 -4.70 3.60
C SER A 506 -10.55 -3.43 4.50
N GLY A 507 -9.61 -3.47 5.44
CA GLY A 507 -9.45 -2.40 6.44
C GLY A 507 -10.25 -2.72 7.70
N TYR A 508 -9.81 -2.11 8.81
CA TYR A 508 -10.51 -2.10 10.10
C TYR A 508 -11.84 -1.32 9.91
N PRO A 509 -12.85 -1.55 10.78
CA PRO A 509 -14.18 -1.01 10.51
C PRO A 509 -14.24 0.50 10.30
N LEU A 510 -13.47 1.28 11.06
CA LEU A 510 -13.61 2.77 11.00
C LEU A 510 -12.67 3.42 9.98
N TYR A 511 -12.05 2.56 9.18
CA TYR A 511 -11.14 3.08 8.12
C TYR A 511 -11.71 4.24 7.29
N HIS A 512 -11.00 5.40 7.28
CA HIS A 512 -11.28 6.57 6.39
C HIS A 512 -12.66 7.20 6.70
N SER A 513 -13.06 6.94 7.91
CA SER A 513 -14.34 7.52 8.39
C SER A 513 -14.00 8.68 9.45
N VAL A 514 -15.00 9.58 9.59
CA VAL A 514 -14.89 10.61 10.65
C VAL A 514 -14.63 10.02 12.07
N TYR A 515 -14.95 8.73 12.30
CA TYR A 515 -14.88 8.13 13.65
C TYR A 515 -13.46 7.69 14.02
N GLU A 516 -12.55 7.80 13.03
CA GLU A 516 -11.18 7.42 13.27
C GLU A 516 -10.46 8.56 14.03
N THR A 517 -10.56 8.51 15.36
CA THR A 517 -10.10 9.58 16.19
C THR A 517 -9.05 9.15 17.20
N TYR A 518 -8.47 10.12 17.88
CA TYR A 518 -7.57 9.85 18.98
C TYR A 518 -8.29 8.93 20.02
N GLU A 519 -9.57 9.23 20.28
CA GLU A 519 -10.30 8.40 21.28
C GLU A 519 -10.51 6.95 20.89
N LEU A 520 -10.73 6.69 19.61
CA LEU A 520 -10.79 5.34 19.15
C LEU A 520 -9.52 4.59 19.55
N VAL A 521 -8.38 5.22 19.31
CA VAL A 521 -7.12 4.53 19.62
C VAL A 521 -6.90 4.35 21.12
N GLU A 522 -7.01 5.45 21.87
CA GLU A 522 -6.72 5.47 23.31
C GLU A 522 -7.70 4.56 24.07
N LYS A 523 -8.94 4.51 23.63
CA LYS A 523 -9.94 3.69 24.35
C LYS A 523 -9.98 2.23 23.94
N PHE A 524 -9.91 1.96 22.64
CA PHE A 524 -10.24 0.65 22.12
C PHE A 524 -9.12 -0.06 21.44
N TYR A 525 -8.05 0.63 21.01
CA TYR A 525 -6.95 -0.11 20.34
C TYR A 525 -5.73 -0.36 21.22
N ASP A 526 -5.25 0.69 21.87
CA ASP A 526 -3.94 0.65 22.49
C ASP A 526 -3.79 1.63 23.64
N PRO A 527 -4.58 1.39 24.73
CA PRO A 527 -4.57 2.39 25.80
C PRO A 527 -3.25 2.70 26.45
N MET A 528 -2.38 1.69 26.51
CA MET A 528 -1.05 1.83 27.07
C MET A 528 0.01 2.25 26.03
N PHE A 529 -0.41 2.31 24.76
CA PHE A 529 0.53 2.63 23.66
C PHE A 529 1.69 1.64 23.61
N LYS A 530 1.42 0.43 24.06
CA LYS A 530 2.48 -0.62 24.01
C LYS A 530 2.63 -1.23 22.60
N TYR A 531 1.54 -1.29 21.83
CA TYR A 531 1.63 -1.85 20.47
C TYR A 531 2.33 -0.80 19.60
N HIS A 532 1.98 0.47 19.76
CA HIS A 532 2.70 1.58 19.12
C HIS A 532 4.20 1.49 19.45
N LEU A 533 4.55 1.30 20.74
CA LEU A 533 5.95 1.23 21.09
C LEU A 533 6.65 0.07 20.39
N THR A 534 6.00 -1.09 20.32
CA THR A 534 6.55 -2.31 19.69
C THR A 534 6.81 -1.99 18.20
N VAL A 535 5.82 -1.35 17.57
CA VAL A 535 6.03 -0.96 16.13
C VAL A 535 7.16 0.06 15.96
N ALA A 536 7.32 1.02 16.87
CA ALA A 536 8.41 1.99 16.84
C ALA A 536 9.76 1.24 16.93
N GLN A 537 9.78 0.22 17.76
CA GLN A 537 11.00 -0.61 17.93
C GLN A 537 11.34 -1.35 16.64
N VAL A 538 10.32 -1.92 15.99
CA VAL A 538 10.54 -2.70 14.72
C VAL A 538 11.00 -1.73 13.65
N ARG A 539 10.21 -0.72 13.37
CA ARG A 539 10.59 0.25 12.31
C ARG A 539 11.90 0.95 12.55
N GLY A 540 12.07 1.48 13.77
CA GLY A 540 13.29 2.22 14.16
C GLY A 540 14.52 1.28 14.19
N GLY A 541 14.31 0.07 14.70
CA GLY A 541 15.37 -0.95 14.79
C GLY A 541 15.84 -1.31 13.37
N MET A 542 14.87 -1.53 12.46
CA MET A 542 15.28 -1.79 11.05
C MET A 542 16.12 -0.64 10.46
N VAL A 543 15.66 0.62 10.63
CA VAL A 543 16.36 1.78 10.12
C VAL A 543 17.76 1.80 10.78
N PHE A 544 17.79 1.59 12.11
CA PHE A 544 19.06 1.56 12.79
C PHE A 544 20.07 0.60 12.17
N GLU A 545 19.66 -0.63 12.01
CA GLU A 545 20.56 -1.72 11.48
C GLU A 545 20.96 -1.39 10.04
N LEU A 546 19.97 -1.01 9.22
CA LEU A 546 20.31 -0.60 7.83
C LEU A 546 21.29 0.55 7.75
N ALA A 547 21.20 1.54 8.64
CA ALA A 547 21.99 2.73 8.57
C ALA A 547 23.36 2.55 9.28
N ASN A 548 23.47 1.50 10.08
CA ASN A 548 24.66 1.36 10.97
C ASN A 548 25.48 0.12 10.83
N SER A 549 24.89 -0.97 10.36
CA SER A 549 25.63 -2.24 10.16
C SER A 549 26.79 -2.03 9.20
N ILE A 550 27.95 -2.62 9.52
CA ILE A 550 29.08 -2.43 8.61
C ILE A 550 28.79 -3.08 7.25
N VAL A 551 28.38 -4.34 7.29
CA VAL A 551 27.90 -5.00 6.05
C VAL A 551 26.38 -4.78 6.05
N LEU A 552 25.85 -4.36 4.90
CA LEU A 552 24.39 -4.18 4.85
C LEU A 552 23.69 -5.48 5.24
N PRO A 553 22.58 -5.38 6.04
CA PRO A 553 21.91 -6.54 6.60
C PRO A 553 20.90 -7.16 5.62
N PHE A 554 21.38 -7.55 4.45
CA PHE A 554 20.59 -8.21 3.41
C PHE A 554 21.14 -9.60 3.19
N ASP A 555 20.27 -10.58 3.05
CA ASP A 555 20.69 -11.93 2.70
C ASP A 555 20.14 -12.34 1.33
N CYS A 556 21.04 -12.26 0.32
CA CYS A 556 20.66 -12.69 -1.03
C CYS A 556 20.15 -14.11 -1.15
N ARG A 557 20.54 -15.02 -0.21
CA ARG A 557 20.04 -16.40 -0.29
C ARG A 557 18.53 -16.53 -0.09
N ASP A 558 17.99 -15.58 0.67
CA ASP A 558 16.54 -15.54 0.90
C ASP A 558 15.82 -15.20 -0.40
N TYR A 559 16.43 -14.37 -1.24
CA TYR A 559 15.82 -14.17 -2.56
C TYR A 559 15.85 -15.45 -3.37
N ALA A 560 16.96 -16.19 -3.31
CA ALA A 560 16.98 -17.45 -4.08
C ALA A 560 15.88 -18.47 -3.73
N VAL A 561 15.61 -18.59 -2.43
CA VAL A 561 14.58 -19.43 -1.91
C VAL A 561 13.22 -19.02 -2.48
N VAL A 562 12.89 -17.73 -2.40
CA VAL A 562 11.52 -17.37 -2.86
C VAL A 562 11.43 -17.43 -4.37
N LEU A 563 12.52 -17.15 -5.07
CA LEU A 563 12.42 -17.24 -6.55
C LEU A 563 12.04 -18.64 -7.00
N ARG A 564 12.59 -19.68 -6.31
CA ARG A 564 12.17 -21.01 -6.65
C ARG A 564 10.70 -21.27 -6.35
N LYS A 565 10.22 -20.79 -5.20
CA LYS A 565 8.81 -20.94 -4.88
C LYS A 565 7.92 -20.26 -6.00
N TYR A 566 8.31 -19.03 -6.38
CA TYR A 566 7.52 -18.28 -7.39
C TYR A 566 7.55 -18.97 -8.75
N ALA A 567 8.72 -19.53 -9.10
CA ALA A 567 8.83 -20.27 -10.36
C ALA A 567 7.97 -21.54 -10.36
N ASP A 568 8.01 -22.32 -9.27
CA ASP A 568 7.08 -23.47 -9.13
C ASP A 568 5.60 -23.04 -9.27
N LYS A 569 5.26 -21.91 -8.67
CA LYS A 569 3.91 -21.45 -8.67
C LYS A 569 3.44 -21.01 -10.06
N ILE A 570 4.28 -20.23 -10.76
CA ILE A 570 3.83 -19.78 -12.09
C ILE A 570 3.80 -20.99 -13.07
N TYR A 571 4.77 -21.89 -12.93
CA TYR A 571 4.75 -23.11 -13.73
C TYR A 571 3.45 -23.90 -13.52
N SER A 572 3.02 -24.00 -12.26
CA SER A 572 1.81 -24.74 -11.90
C SER A 572 0.56 -24.09 -12.47
N ILE A 573 0.51 -22.75 -12.50
CA ILE A 573 -0.55 -22.07 -13.21
C ILE A 573 -0.59 -22.41 -14.69
N SER A 574 0.59 -22.44 -15.32
CA SER A 574 0.65 -22.71 -16.76
C SER A 574 0.18 -24.14 -17.04
N MET A 575 0.58 -25.04 -16.16
CA MET A 575 0.27 -26.48 -16.33
C MET A 575 -1.21 -26.85 -16.15
N LYS A 576 -2.05 -25.87 -15.85
CA LYS A 576 -3.51 -26.05 -16.02
C LYS A 576 -3.89 -26.20 -17.50
N HIS A 577 -2.96 -25.89 -18.40
CA HIS A 577 -3.23 -25.88 -19.84
C HIS A 577 -2.20 -26.74 -20.61
N PRO A 578 -2.10 -28.05 -20.26
CA PRO A 578 -1.04 -28.90 -20.87
C PRO A 578 -1.11 -28.96 -22.38
N GLN A 579 -2.33 -29.05 -22.97
CA GLN A 579 -2.45 -29.13 -24.42
C GLN A 579 -1.81 -27.92 -25.11
N GLU A 580 -2.08 -26.73 -24.57
CA GLU A 580 -1.53 -25.52 -25.15
C GLU A 580 -0.02 -25.46 -24.98
N MET A 581 0.47 -25.89 -23.82
CA MET A 581 1.90 -25.89 -23.63
C MET A 581 2.60 -26.82 -24.64
N LYS A 582 1.93 -27.93 -25.00
CA LYS A 582 2.45 -28.83 -26.04
C LYS A 582 2.42 -28.19 -27.43
N THR A 583 1.28 -27.63 -27.80
CA THR A 583 1.06 -27.01 -29.09
C THR A 583 2.05 -25.88 -29.33
N TYR A 584 2.22 -25.04 -28.30
CA TYR A 584 3.02 -23.83 -28.53
C TYR A 584 4.42 -23.93 -27.98
N SER A 585 4.81 -25.14 -27.55
CA SER A 585 6.18 -25.40 -27.06
C SER A 585 6.57 -24.44 -25.94
N VAL A 586 5.72 -24.35 -24.95
CA VAL A 586 5.87 -23.37 -23.84
C VAL A 586 6.72 -24.04 -22.76
N SER A 587 7.99 -23.64 -22.66
CA SER A 587 8.90 -24.23 -21.67
C SER A 587 9.30 -23.23 -20.59
N PHE A 588 9.27 -23.69 -19.35
CA PHE A 588 9.82 -22.91 -18.23
C PHE A 588 11.29 -23.28 -17.92
N ASP A 589 11.92 -24.10 -18.77
CA ASP A 589 13.32 -24.47 -18.47
C ASP A 589 14.29 -23.30 -18.24
N SER A 590 14.16 -22.23 -19.03
CA SER A 590 15.09 -21.07 -18.92
C SER A 590 14.92 -20.44 -17.55
N LEU A 591 13.67 -20.32 -17.11
CA LEU A 591 13.41 -19.72 -15.79
C LEU A 591 13.93 -20.55 -14.61
N PHE A 592 13.68 -21.86 -14.63
CA PHE A 592 14.29 -22.68 -13.59
C PHE A 592 15.83 -22.69 -13.65
N SER A 593 16.41 -22.69 -14.86
CA SER A 593 17.88 -22.51 -15.00
C SER A 593 18.46 -21.24 -14.34
N ALA A 594 17.78 -20.11 -14.62
CA ALA A 594 18.17 -18.84 -14.07
C ALA A 594 18.06 -18.87 -12.53
N VAL A 595 16.99 -19.51 -12.03
CA VAL A 595 16.77 -19.63 -10.57
C VAL A 595 17.90 -20.47 -9.93
N LYS A 596 18.20 -21.60 -10.57
CA LYS A 596 19.33 -22.44 -10.12
C LYS A 596 20.64 -21.70 -10.07
N ASN A 597 20.94 -20.93 -11.15
CA ASN A 597 22.12 -20.11 -11.21
C ASN A 597 22.18 -19.03 -10.10
N PHE A 598 21.04 -18.33 -9.87
CA PHE A 598 20.96 -17.34 -8.85
C PHE A 598 21.30 -18.00 -7.50
N THR A 599 20.78 -19.19 -7.28
CA THR A 599 20.90 -19.87 -5.99
C THR A 599 22.39 -20.22 -5.77
N GLU A 600 23.00 -20.79 -6.82
CA GLU A 600 24.46 -21.10 -6.80
C GLU A 600 25.34 -19.87 -6.61
N ILE A 601 25.12 -18.77 -7.37
CA ILE A 601 25.92 -17.61 -7.28
C ILE A 601 25.73 -16.89 -5.92
N ALA A 602 24.47 -16.86 -5.44
CA ALA A 602 24.20 -16.21 -4.15
C ALA A 602 24.88 -16.99 -3.02
N SER A 603 24.88 -18.31 -3.14
CA SER A 603 25.60 -19.11 -2.11
C SER A 603 27.09 -18.75 -2.08
N LYS A 604 27.71 -18.70 -3.24
CA LYS A 604 29.11 -18.29 -3.28
C LYS A 604 29.38 -16.84 -2.84
N PHE A 605 28.50 -15.89 -3.21
CA PHE A 605 28.69 -14.52 -2.78
C PHE A 605 28.64 -14.46 -1.23
N SER A 606 27.71 -15.20 -0.64
CA SER A 606 27.55 -15.18 0.82
C SER A 606 28.82 -15.72 1.51
N GLU A 607 29.37 -16.78 0.93
CA GLU A 607 30.68 -17.29 1.42
C GLU A 607 31.72 -16.18 1.39
N ARG A 608 31.87 -15.51 0.22
CA ARG A 608 32.81 -14.43 0.16
C ARG A 608 32.54 -13.31 1.16
N LEU A 609 31.25 -13.03 1.41
CA LEU A 609 30.86 -11.95 2.30
C LEU A 609 31.28 -12.31 3.74
N GLN A 610 31.23 -13.58 4.06
CA GLN A 610 31.71 -14.02 5.37
C GLN A 610 33.24 -14.14 5.43
N ASP A 611 33.86 -14.49 4.29
N ASP A 611 33.87 -14.60 4.33
CA ASP A 611 35.32 -14.66 4.16
CA ASP A 611 35.32 -14.96 4.25
C ASP A 611 36.11 -13.36 4.00
C ASP A 611 36.23 -13.87 3.68
N PHE A 612 35.52 -12.31 3.43
N PHE A 612 35.64 -12.78 3.17
CA PHE A 612 36.34 -11.27 2.81
CA PHE A 612 36.47 -11.66 2.71
C PHE A 612 37.24 -10.59 3.80
C PHE A 612 37.13 -11.00 3.90
N ASP A 613 38.42 -10.20 3.31
N ASP A 613 37.83 -9.91 3.62
CA ASP A 613 39.36 -9.51 4.19
CA ASP A 613 38.57 -9.14 4.64
C ASP A 613 38.59 -8.35 4.88
C ASP A 613 37.65 -8.54 5.67
N LYS A 614 38.31 -8.48 6.19
N LYS A 614 38.04 -7.32 6.10
CA LYS A 614 37.39 -7.49 6.82
CA LYS A 614 37.25 -6.54 7.06
C LYS A 614 38.10 -6.17 7.14
C LYS A 614 37.17 -5.00 6.91
N SER A 615 39.43 -6.11 6.90
N SER A 615 38.28 -4.28 7.25
CA SER A 615 40.20 -4.90 6.97
CA SER A 615 38.61 -2.80 7.37
C SER A 615 40.10 -4.02 5.68
C SER A 615 39.33 -2.16 6.17
N ASN A 616 39.49 -4.55 4.62
N ASN A 616 39.16 -2.76 5.00
CA ASN A 616 39.49 -3.87 3.32
CA ASN A 616 39.67 -2.19 3.75
C ASN A 616 38.16 -3.14 3.02
C ASN A 616 38.50 -1.37 3.17
N PRO A 617 38.15 -1.77 3.11
N PRO A 617 38.50 -0.03 3.33
CA PRO A 617 36.89 -1.04 2.96
CA PRO A 617 37.31 0.77 2.90
C PRO A 617 36.41 -1.05 1.52
C PRO A 617 36.77 0.51 1.48
N ILE A 618 37.32 -1.19 0.55
N ILE A 618 37.65 0.42 0.49
CA ILE A 618 36.92 -1.18 -0.87
CA ILE A 618 37.16 0.23 -0.88
C ILE A 618 36.23 -2.49 -1.22
C ILE A 618 36.61 -1.18 -1.08
N VAL A 619 36.78 -3.60 -0.74
N VAL A 619 37.25 -2.20 -0.50
CA VAL A 619 36.11 -4.89 -0.87
CA VAL A 619 36.69 -3.53 -0.66
C VAL A 619 34.77 -4.86 -0.14
C VAL A 619 35.31 -3.60 0.02
N LEU A 620 34.76 -4.33 1.09
N LEU A 620 35.20 -2.98 1.17
CA LEU A 620 33.50 -4.20 1.84
CA LEU A 620 33.93 -2.97 1.85
C LEU A 620 32.48 -3.40 1.05
C LEU A 620 32.93 -2.21 0.96
N ARG A 621 32.90 -2.22 0.53
N ARG A 621 33.32 -1.06 0.44
CA ARG A 621 31.96 -1.32 -0.16
CA ARG A 621 32.39 -0.34 -0.47
C ARG A 621 31.47 -2.02 -1.44
C ARG A 621 31.93 -1.19 -1.69
N MET A 622 32.34 -2.78 -2.12
N MET A 622 32.82 -2.01 -2.29
CA MET A 622 32.00 -3.44 -3.42
CA MET A 622 32.40 -3.07 -3.27
C MET A 622 31.01 -4.44 -3.08
C MET A 622 31.23 -4.08 -2.95
N MET A 623 31.24 -4.97 -1.90
CA MET A 623 30.27 -5.93 -1.54
C MET A 623 28.93 -5.27 -1.10
N ASN A 624 29.05 -4.18 -0.37
CA ASN A 624 27.83 -3.42 0.07
C ASN A 624 27.09 -2.92 -1.19
N ASP A 625 27.84 -2.43 -2.17
CA ASP A 625 27.24 -2.02 -3.49
C ASP A 625 26.56 -3.20 -4.19
N GLN A 626 27.16 -4.39 -4.21
CA GLN A 626 26.53 -5.59 -4.75
C GLN A 626 25.21 -5.84 -4.01
N LEU A 627 25.26 -5.69 -2.69
CA LEU A 627 24.03 -5.91 -1.91
C LEU A 627 22.94 -4.86 -2.21
N MET A 628 23.38 -3.63 -2.34
CA MET A 628 22.46 -2.50 -2.50
C MET A 628 21.85 -2.58 -3.89
N PHE A 629 22.71 -2.87 -4.84
CA PHE A 629 22.16 -2.99 -6.27
C PHE A 629 21.44 -4.28 -6.66
N LEU A 630 21.31 -5.25 -5.75
CA LEU A 630 20.68 -6.48 -6.07
C LEU A 630 19.17 -6.25 -6.30
N GLU A 631 18.53 -5.50 -5.39
CA GLU A 631 17.11 -5.19 -5.64
C GLU A 631 16.98 -4.41 -6.98
N ARG A 632 17.95 -3.53 -7.22
CA ARG A 632 17.95 -2.67 -8.39
C ARG A 632 17.98 -3.53 -9.63
N ALA A 633 18.67 -4.68 -9.56
CA ALA A 633 18.82 -5.50 -10.78
C ALA A 633 17.52 -6.14 -11.27
N PHE A 634 16.47 -6.21 -10.41
CA PHE A 634 15.22 -6.77 -10.85
C PHE A 634 14.38 -5.79 -11.63
N ILE A 635 14.88 -4.58 -11.75
CA ILE A 635 14.14 -3.53 -12.52
C ILE A 635 14.35 -3.72 -14.03
N ASP A 636 13.28 -3.69 -14.83
CA ASP A 636 13.41 -3.68 -16.29
C ASP A 636 13.12 -2.25 -16.78
N PRO A 637 14.06 -1.61 -17.45
CA PRO A 637 13.89 -0.19 -17.87
C PRO A 637 12.72 -0.01 -18.83
N LEU A 638 12.23 -1.09 -19.41
CA LEU A 638 11.04 -0.98 -20.31
C LEU A 638 9.70 -1.10 -19.56
N GLY A 639 9.76 -1.45 -18.26
CA GLY A 639 8.56 -1.62 -17.47
C GLY A 639 7.75 -2.86 -17.82
N LEU A 640 6.66 -3.08 -17.08
CA LEU A 640 5.77 -4.19 -17.40
C LEU A 640 4.76 -3.80 -18.48
N PRO A 641 4.13 -4.79 -19.16
CA PRO A 641 3.20 -4.43 -20.26
C PRO A 641 2.10 -3.45 -19.91
N ASP A 642 2.09 -2.33 -20.63
CA ASP A 642 1.13 -1.24 -20.44
C ASP A 642 1.17 -0.62 -19.04
N ARG A 643 2.22 -0.94 -18.27
CA ARG A 643 2.36 -0.30 -16.92
C ARG A 643 3.83 0.13 -16.77
N PRO A 644 4.20 1.21 -17.47
CA PRO A 644 5.60 1.63 -17.56
C PRO A 644 6.22 2.01 -16.24
N PHE A 645 5.42 2.38 -15.27
CA PHE A 645 5.94 2.77 -13.96
C PHE A 645 6.01 1.59 -12.93
N TYR A 646 5.60 0.39 -13.34
CA TYR A 646 5.85 -0.80 -12.52
C TYR A 646 6.96 -1.51 -13.29
N ARG A 647 8.16 -1.48 -12.74
CA ARG A 647 9.33 -1.95 -13.49
C ARG A 647 10.03 -3.17 -12.86
N HIS A 648 9.56 -3.60 -11.69
CA HIS A 648 10.17 -4.76 -11.01
C HIS A 648 9.62 -6.00 -11.71
N VAL A 649 10.52 -6.92 -12.04
CA VAL A 649 10.07 -8.11 -12.78
C VAL A 649 9.61 -9.25 -11.84
N ILE A 650 10.03 -9.20 -10.58
CA ILE A 650 9.68 -10.30 -9.68
C ILE A 650 8.32 -9.99 -9.00
N TYR A 651 8.08 -8.71 -8.67
CA TYR A 651 6.83 -8.33 -7.96
C TYR A 651 6.15 -7.21 -8.68
N ALA A 652 4.84 -7.16 -8.65
CA ALA A 652 4.13 -5.92 -9.01
C ALA A 652 2.82 -5.93 -8.20
N PRO A 653 2.18 -4.74 -8.12
CA PRO A 653 0.82 -4.74 -7.56
C PRO A 653 -0.03 -5.59 -8.48
N SER A 654 -0.93 -6.40 -7.91
CA SER A 654 -1.80 -7.22 -8.74
C SER A 654 -2.66 -6.36 -9.65
N SER A 655 -2.81 -6.72 -10.93
CA SER A 655 -3.64 -5.98 -11.88
C SER A 655 -5.14 -6.02 -11.48
N HIS A 656 -5.46 -6.91 -10.54
CA HIS A 656 -6.84 -7.09 -10.01
C HIS A 656 -7.06 -6.50 -8.65
N ASN A 657 -5.98 -6.08 -8.01
CA ASN A 657 -6.06 -5.60 -6.63
C ASN A 657 -4.76 -4.93 -6.26
N LYS A 658 -4.71 -3.61 -6.38
CA LYS A 658 -3.46 -2.85 -6.11
C LYS A 658 -2.85 -3.16 -4.76
N TYR A 659 -3.65 -3.59 -3.77
CA TYR A 659 -3.12 -3.81 -2.45
C TYR A 659 -2.31 -5.10 -2.32
N ALA A 660 -2.48 -6.01 -3.27
CA ALA A 660 -1.87 -7.34 -3.21
C ALA A 660 -0.60 -7.34 -4.09
N GLY A 661 0.46 -7.95 -3.58
CA GLY A 661 1.66 -8.13 -4.43
C GLY A 661 1.41 -9.39 -5.23
N GLU A 662 1.88 -9.40 -6.47
CA GLU A 662 1.84 -10.57 -7.35
C GLU A 662 3.29 -10.91 -7.74
N SER A 663 3.62 -12.22 -7.78
CA SER A 663 4.97 -12.60 -8.19
C SER A 663 5.00 -12.99 -9.66
N PHE A 664 6.18 -12.83 -10.27
CA PHE A 664 6.29 -12.97 -11.76
C PHE A 664 5.08 -12.36 -12.47
N PRO A 665 4.82 -11.08 -12.16
CA PRO A 665 3.59 -10.46 -12.66
C PRO A 665 3.44 -10.47 -14.15
N GLY A 666 4.55 -10.36 -14.89
CA GLY A 666 4.42 -10.29 -16.36
C GLY A 666 3.96 -11.63 -16.89
N ILE A 667 4.51 -12.73 -16.36
CA ILE A 667 3.99 -14.05 -16.77
C ILE A 667 2.57 -14.29 -16.21
N TYR A 668 2.33 -13.97 -14.93
CA TYR A 668 0.99 -14.13 -14.35
C TYR A 668 -0.10 -13.46 -15.23
N ASP A 669 0.07 -12.18 -15.54
CA ASP A 669 -0.90 -11.46 -16.39
C ASP A 669 -1.03 -12.05 -17.80
N ALA A 670 0.06 -12.49 -18.40
CA ALA A 670 -0.01 -13.18 -19.71
C ALA A 670 -0.87 -14.46 -19.62
N LEU A 671 -0.80 -15.17 -18.50
CA LEU A 671 -1.59 -16.42 -18.32
C LEU A 671 -3.04 -16.19 -17.89
N PHE A 672 -3.31 -15.03 -17.25
CA PHE A 672 -4.60 -14.86 -16.60
C PHE A 672 -5.74 -14.94 -17.62
N ASP A 673 -6.72 -15.80 -17.34
CA ASP A 673 -7.91 -15.91 -18.21
C ASP A 673 -7.53 -16.21 -19.67
N ILE A 674 -6.40 -16.91 -19.86
CA ILE A 674 -5.91 -17.13 -21.22
C ILE A 674 -6.85 -18.01 -22.07
N GLU A 675 -7.57 -18.92 -21.42
CA GLU A 675 -8.52 -19.81 -22.15
C GLU A 675 -9.64 -19.01 -22.85
N SER A 676 -9.79 -17.74 -22.47
CA SER A 676 -10.79 -16.84 -23.09
C SER A 676 -10.26 -15.99 -24.22
N LYS A 677 -8.96 -16.08 -24.51
CA LYS A 677 -8.38 -15.22 -25.54
C LYS A 677 -8.75 -15.74 -26.94
N VAL A 678 -9.05 -14.82 -27.84
CA VAL A 678 -9.51 -15.21 -29.17
C VAL A 678 -8.40 -15.81 -30.05
N ASP A 679 -7.16 -15.37 -29.84
CA ASP A 679 -6.02 -15.82 -30.64
C ASP A 679 -5.05 -16.51 -29.70
N PRO A 680 -5.17 -17.85 -29.55
CA PRO A 680 -4.35 -18.53 -28.55
C PRO A 680 -2.88 -18.50 -28.90
N SER A 681 -2.57 -18.52 -30.20
CA SER A 681 -1.20 -18.50 -30.67
C SER A 681 -0.48 -17.23 -30.21
N LYS A 682 -1.17 -16.10 -30.36
CA LYS A 682 -0.66 -14.82 -29.91
C LYS A 682 -0.52 -14.77 -28.37
N ALA A 683 -1.56 -15.24 -27.68
CA ALA A 683 -1.61 -15.21 -26.20
C ALA A 683 -0.47 -16.05 -25.64
N TRP A 684 -0.27 -17.24 -26.19
CA TRP A 684 0.80 -18.10 -25.66
C TRP A 684 2.18 -17.62 -26.09
N GLY A 685 2.27 -16.95 -27.24
CA GLY A 685 3.51 -16.32 -27.68
C GLY A 685 3.91 -15.29 -26.62
N GLU A 686 2.93 -14.55 -26.12
CA GLU A 686 3.23 -13.54 -25.08
C GLU A 686 3.62 -14.16 -23.75
N VAL A 687 3.01 -15.30 -23.37
CA VAL A 687 3.51 -16.06 -22.21
C VAL A 687 5.00 -16.39 -22.39
N LYS A 688 5.35 -16.91 -23.56
CA LYS A 688 6.75 -17.28 -23.79
C LYS A 688 7.67 -16.05 -23.73
N ARG A 689 7.19 -14.94 -24.30
CA ARG A 689 7.96 -13.70 -24.21
C ARG A 689 8.22 -13.33 -22.74
N GLN A 690 7.19 -13.43 -21.92
CA GLN A 690 7.34 -13.05 -20.48
C GLN A 690 8.25 -14.04 -19.71
N ILE A 691 8.19 -15.34 -20.10
CA ILE A 691 9.13 -16.29 -19.50
C ILE A 691 10.56 -15.90 -19.83
N TYR A 692 10.82 -15.55 -21.08
CA TYR A 692 12.16 -15.06 -21.54
C TYR A 692 12.59 -13.82 -20.73
N VAL A 693 11.71 -12.83 -20.61
CA VAL A 693 12.09 -11.63 -19.87
C VAL A 693 12.44 -11.98 -18.39
N ALA A 694 11.61 -12.83 -17.80
CA ALA A 694 11.82 -13.20 -16.39
C ALA A 694 13.13 -13.97 -16.18
N ALA A 695 13.34 -14.99 -17.04
CA ALA A 695 14.62 -15.77 -16.97
C ALA A 695 15.85 -14.88 -17.16
N PHE A 696 15.76 -14.00 -18.15
CA PHE A 696 16.84 -13.12 -18.43
C PHE A 696 17.11 -12.23 -17.19
N THR A 697 16.03 -11.66 -16.64
CA THR A 697 16.21 -10.71 -15.52
C THR A 697 16.78 -11.43 -14.26
N VAL A 698 16.29 -12.64 -13.99
CA VAL A 698 16.79 -13.45 -12.85
C VAL A 698 18.30 -13.75 -13.03
N GLN A 699 18.64 -14.20 -14.24
CA GLN A 699 20.09 -14.43 -14.54
C GLN A 699 20.93 -13.14 -14.44
N ALA A 700 20.43 -12.01 -14.93
CA ALA A 700 21.20 -10.79 -14.90
C ALA A 700 21.41 -10.32 -13.46
N ALA A 701 20.36 -10.48 -12.65
CA ALA A 701 20.49 -10.10 -11.23
C ALA A 701 21.54 -11.01 -10.55
N ALA A 702 21.44 -12.33 -10.83
CA ALA A 702 22.45 -13.32 -10.32
C ALA A 702 23.85 -12.82 -10.66
N GLU A 703 24.04 -12.45 -11.93
CA GLU A 703 25.36 -11.99 -12.40
C GLU A 703 25.93 -10.75 -11.72
N THR A 704 25.09 -9.93 -11.04
CA THR A 704 25.59 -8.81 -10.29
C THR A 704 26.32 -9.25 -8.99
N LEU A 705 26.03 -10.50 -8.60
CA LEU A 705 26.58 -11.10 -7.36
C LEU A 705 27.83 -11.93 -7.71
N SER A 706 28.05 -12.22 -9.01
CA SER A 706 29.38 -12.83 -9.38
C SER A 706 30.60 -11.93 -9.01
N GLU A 707 31.82 -12.53 -8.95
CA GLU A 707 32.98 -11.68 -8.80
C GLU A 707 33.05 -10.67 -9.95
N VAL A 708 33.47 -9.46 -9.62
CA VAL A 708 33.22 -8.28 -10.46
C VAL A 708 34.18 -8.28 -11.66
N ALA A 709 35.30 -9.01 -11.50
CA ALA A 709 36.36 -9.06 -12.54
C ALA A 709 37.39 -10.13 -12.17
C1 NAG B . 1.02 20.40 18.93
C2 NAG B . 0.08 21.50 19.45
C3 NAG B . 0.63 22.88 19.11
C4 NAG B . 2.10 23.06 19.47
C5 NAG B . 2.86 21.82 19.01
C6 NAG B . 4.35 21.89 19.40
C7 NAG B . -2.24 20.84 19.64
C8 NAG B . -3.54 20.57 18.95
N2 NAG B . -1.25 21.33 18.87
O3 NAG B . -0.05 23.85 19.87
O4 NAG B . 2.52 24.20 18.74
O5 NAG B . 2.27 20.65 19.51
O6 NAG B . 4.53 21.73 20.79
O7 NAG B . -2.11 20.58 20.84
C1 NAG B . 3.17 25.15 19.60
C2 NAG B . 4.03 26.03 18.68
C3 NAG B . 4.48 27.35 19.32
C4 NAG B . 3.39 28.01 20.15
C5 NAG B . 2.75 26.98 21.10
C6 NAG B . 1.62 27.61 21.91
C7 NAG B . 5.44 24.81 17.05
C8 NAG B . 4.43 25.10 16.02
N2 NAG B . 5.22 25.30 18.28
O3 NAG B . 4.93 28.17 18.25
O4 NAG B . 3.91 29.12 20.89
O5 NAG B . 2.22 25.88 20.37
O6 NAG B . 0.55 27.98 21.05
O7 NAG B . 6.45 24.13 16.78
C1 NAG C . -34.01 14.77 -1.72
C2 NAG C . -35.40 15.13 -1.14
C3 NAG C . -36.18 15.99 -2.14
C4 NAG C . -35.36 17.18 -2.67
C5 NAG C . -33.93 16.71 -3.05
C6 NAG C . -32.98 17.84 -3.46
C7 NAG C . -36.44 13.55 0.38
C8 NAG C . -37.12 12.23 0.53
N2 NAG C . -36.17 13.94 -0.86
O3 NAG C . -37.36 16.45 -1.50
O4 NAG C . -36.00 17.71 -3.80
O5 NAG C . -33.37 16.02 -1.96
O6 NAG C . -32.90 18.83 -2.47
O7 NAG C . -36.16 14.21 1.39
C1 NAG C . -36.13 19.16 -3.75
C2 NAG C . -36.34 19.64 -5.19
C3 NAG C . -36.70 21.14 -5.27
C4 NAG C . -37.88 21.41 -4.33
C5 NAG C . -37.43 21.01 -2.92
C6 NAG C . -38.44 21.38 -1.83
C7 NAG C . -35.02 18.23 -6.75
C8 NAG C . -36.16 17.28 -6.89
N2 NAG C . -35.17 19.36 -6.03
O3 NAG C . -37.02 21.50 -6.59
O4 NAG C . -38.31 22.76 -4.42
O5 NAG C . -37.18 19.60 -2.89
O6 NAG C . -39.55 20.51 -1.94
O7 NAG C . -33.95 17.93 -7.29
C1 NAG D . 20.87 -13.03 11.67
C2 NAG D . 21.93 -12.35 10.78
C3 NAG D . 22.90 -13.41 10.29
C4 NAG D . 23.45 -14.23 11.48
C5 NAG D . 22.29 -14.76 12.34
C6 NAG D . 22.75 -15.52 13.59
C7 NAG D . 21.56 -10.43 9.31
C8 NAG D . 22.51 -9.67 10.16
N2 NAG D . 21.34 -11.67 9.62
O3 NAG D . 23.95 -12.79 9.59
O4 NAG D . 24.10 -15.35 10.94
O5 NAG D . 21.65 -13.57 12.75
O6 NAG D . 23.61 -14.65 14.26
O7 NAG D . 21.04 -9.86 8.28
C1 NAG D . 25.46 -15.49 11.45
C2 NAG D . 25.89 -16.89 11.02
C3 NAG D . 27.34 -17.15 11.41
C4 NAG D . 28.23 -15.99 10.95
C5 NAG D . 27.69 -14.63 11.43
C6 NAG D . 28.47 -13.48 10.82
C7 NAG D . 24.07 -18.53 10.91
C8 NAG D . 23.88 -18.25 9.45
N2 NAG D . 24.99 -17.85 11.60
O3 NAG D . 27.73 -18.36 10.80
O4 NAG D . 29.55 -16.20 11.41
O5 NAG D . 26.35 -14.52 10.97
O6 NAG D . 28.52 -13.71 9.41
O7 NAG D . 23.33 -19.38 11.43
C1 NAG E . 22.88 -20.86 -16.06
C2 NAG E . 22.46 -20.14 -17.37
C3 NAG E . 22.98 -20.99 -18.56
C4 NAG E . 24.51 -21.24 -18.41
C5 NAG E . 24.89 -21.72 -16.99
C6 NAG E . 26.42 -21.64 -16.86
C7 NAG E . 20.47 -18.81 -17.92
C8 NAG E . 18.95 -18.77 -17.94
N2 NAG E . 21.02 -19.94 -17.42
O3 NAG E . 22.65 -20.33 -19.78
O4 NAG E . 24.99 -22.28 -19.26
O5 NAG E . 24.31 -20.87 -16.01
O6 NAG E . 26.82 -22.49 -15.80
O7 NAG E . 21.21 -17.88 -18.29
C1 NAG E . 25.15 -21.83 -20.62
C2 NAG E . 26.46 -22.34 -21.23
C3 NAG E . 26.46 -22.12 -22.76
C4 NAG E . 25.16 -22.61 -23.39
C5 NAG E . 24.05 -21.82 -22.67
C6 NAG E . 22.68 -21.97 -23.32
C7 NAG E . 28.50 -22.19 -19.79
C8 NAG E . 28.36 -23.59 -19.26
N2 NAG E . 27.58 -21.64 -20.62
O3 NAG E . 27.60 -22.73 -23.34
O4 NAG E . 25.06 -22.23 -24.76
O5 NAG E . 24.04 -22.28 -21.34
O6 NAG E . 22.23 -23.27 -23.03
O7 NAG E . 29.50 -21.56 -19.41
C1 BMA E . 25.71 -23.14 -25.66
C2 BMA E . 24.95 -23.23 -26.99
C3 BMA E . 25.74 -24.04 -28.00
C4 BMA E . 27.16 -23.52 -28.09
C5 BMA E . 27.78 -23.36 -26.72
C6 BMA E . 29.16 -22.74 -26.80
O2 BMA E . 24.72 -21.92 -27.49
O3 BMA E . 25.32 -23.81 -29.30
O4 BMA E . 27.93 -24.36 -28.93
O5 BMA E . 26.93 -22.53 -25.93
O6 BMA E . 29.70 -22.62 -25.49
C1 MAN E . 24.23 -24.58 -29.82
C2 MAN E . 24.10 -24.53 -31.33
C3 MAN E . 22.64 -24.14 -31.43
C4 MAN E . 21.75 -25.06 -30.58
C5 MAN E . 22.35 -25.35 -29.18
C6 MAN E . 21.49 -26.25 -28.30
O2 MAN E . 24.36 -25.79 -31.91
O3 MAN E . 22.19 -24.10 -32.76
O4 MAN E . 20.50 -24.43 -30.42
O5 MAN E . 23.72 -25.77 -29.27
O6 MAN E . 21.11 -27.39 -29.03
C1 NAG F . -20.12 24.80 -6.71
C2 NAG F . -19.44 25.38 -7.95
C3 NAG F . -19.96 26.75 -8.36
C4 NAG F . -21.49 26.84 -8.40
C5 NAG F . -22.24 25.68 -7.71
C6 NAG F . -22.87 24.71 -8.75
C7 NAG F . -17.10 24.86 -8.37
C8 NAG F . -17.50 24.26 -9.68
N2 NAG F . -18.03 25.47 -7.63
O3 NAG F . -19.46 27.01 -9.65
O4 NAG F . -21.95 28.10 -7.90
O5 NAG F . -21.53 24.96 -6.68
O6 NAG F . -22.46 24.93 -10.08
O7 NAG F . -15.93 24.78 -8.00
C1 NAG G . -24.95 -5.31 -23.03
C2 NAG G . -24.50 -5.92 -24.36
C3 NAG G . -23.94 -4.76 -25.18
C4 NAG G . -25.12 -3.83 -25.52
C5 NAG G . -25.88 -3.38 -24.27
C6 NAG G . -27.30 -2.96 -24.67
C7 NAG G . -23.95 -8.30 -24.13
C8 NAG G . -22.89 -9.35 -24.34
N2 NAG G . -23.56 -7.02 -24.19
O3 NAG G . -23.31 -5.24 -26.35
O4 NAG G . -24.66 -2.69 -26.21
O5 NAG G . -26.02 -4.39 -23.26
O6 NAG G . -27.33 -1.65 -25.18
O7 NAG G . -25.13 -8.64 -23.89
C1 NAG H . -7.65 -5.17 21.73
C2 NAG H . -8.84 -5.36 20.80
C3 NAG H . -10.07 -5.79 21.59
C4 NAG H . -9.77 -7.08 22.36
C5 NAG H . -8.43 -7.05 23.12
C6 NAG H . -7.98 -8.49 23.43
C7 NAG H . -9.25 -4.15 18.75
C8 NAG H . -9.64 -2.86 18.12
N2 NAG H . -9.05 -4.12 20.07
O3 NAG H . -11.13 -6.06 20.73
O4 NAG H . -10.86 -7.42 23.23
O5 NAG H . -7.36 -6.38 22.43
O6 NAG H . -8.64 -9.48 22.64
O7 NAG H . -9.13 -5.16 18.07
ZN ZN I . -5.67 6.25 4.15
ZN ZN J . -2.59 6.03 5.20
CA CA K . 4.85 13.78 -11.70
CL CL L . 3.03 0.94 6.59
C01 QUS M . -5.78 4.12 0.02
C02 QUS M . -4.48 4.77 0.11
C03 QUS M . -4.12 5.72 -1.00
C04 QUS M . -4.09 5.21 -3.45
C05 QUS M . -2.62 3.63 -3.39
NP3 QUS M . -3.45 4.18 0.88
N14 QUS M . -4.14 4.75 -2.11
N15 QUS M . -3.27 4.46 -4.21
O16 QUS M . -5.63 2.89 0.02
O17 QUS M . -6.91 4.67 -0.17
O18 QUS M . -4.77 6.18 -3.73
O19 QUS M . -1.76 2.82 -3.62
O20 QUS M . -3.12 3.73 -2.03
#